data_1L7J
#
_entry.id   1L7J
#
_cell.length_a   42.500
_cell.length_b   76.100
_cell.length_c   206.800
_cell.angle_alpha   90.00
_cell.angle_beta   90.00
_cell.angle_gamma   90.00
#
_symmetry.space_group_name_H-M   'P 21 21 21'
#
loop_
_entity.id
_entity.type
_entity.pdbx_description
1 polymer 'galactose mutarotase'
2 water water
#
_entity_poly.entity_id   1
_entity_poly.type   'polypeptide(L)'
_entity_poly.pdbx_seq_one_letter_code
;MSIKIRDFGLGSDLISLTNKAGVTISFTNLGARIVDWQKDGKHLILGFDSAKEYLEKDAYPGATVGPTAGRIKDGLVKIS
GKDYILNQNEGPQTLHGGEESIHTKLWTYEVTDLGAEVQVKFSLVSNDGTNGYPGKIEMSVTHSFDDDNKWKIHYEAISD
KDTVFNPTGHVYFNLNGDASESVENHGLRLAASRFVPLKDQTEIVRGDIVDIKNTDLDFRQEKQLSNAFNSNMEQVQLVK
GIDHPFLLDQLGLDKEQARLTLDDTSISVFTDQPSIVIFTANFGDLGTLYHEKKQVHHGGITFECQVSPGSEQIPELGDI
SLKAGEKYQATTIYSLHTKLEHHHHHH
;
_entity_poly.pdbx_strand_id   A,B
#
# COMPACT_ATOMS: atom_id res chain seq x y z
N SER A 2 6.20 -3.10 -28.31
CA SER A 2 5.00 -3.67 -27.77
C SER A 2 5.02 -3.50 -26.26
N ILE A 3 3.82 -3.50 -25.75
CA ILE A 3 3.55 -3.36 -24.35
C ILE A 3 2.44 -4.31 -24.04
N LYS A 4 2.62 -5.04 -22.98
CA LYS A 4 1.65 -6.03 -22.60
C LYS A 4 1.44 -6.10 -21.10
N ILE A 5 0.17 -5.96 -20.74
CA ILE A 5 -0.27 -6.00 -19.37
C ILE A 5 -1.00 -7.26 -19.08
N ARG A 6 -0.53 -7.91 -18.04
CA ARG A 6 -1.01 -9.19 -17.55
C ARG A 6 -1.13 -9.18 -16.01
N ASP A 7 -1.99 -10.03 -15.50
CA ASP A 7 -2.23 -10.23 -14.07
C ASP A 7 -1.13 -11.09 -13.44
N PHE A 8 -0.34 -10.55 -12.50
CA PHE A 8 0.75 -11.28 -11.82
C PHE A 8 0.32 -12.10 -10.58
N GLY A 9 -0.88 -11.86 -10.09
CA GLY A 9 -1.33 -12.62 -8.96
C GLY A 9 -1.50 -11.76 -7.75
N LEU A 10 -2.38 -12.15 -6.80
CA LEU A 10 -2.62 -11.38 -5.55
C LEU A 10 -3.08 -9.94 -5.74
N GLY A 11 -3.62 -9.67 -6.95
CA GLY A 11 -4.06 -8.34 -7.34
C GLY A 11 -3.00 -7.56 -8.10
N SER A 12 -1.80 -8.14 -8.26
CA SER A 12 -0.70 -7.40 -8.96
C SER A 12 -0.68 -7.51 -10.46
N ASP A 13 -0.10 -6.49 -11.06
CA ASP A 13 0.06 -6.39 -12.47
C ASP A 13 1.43 -6.70 -12.90
N LEU A 14 1.56 -7.04 -14.17
CA LEU A 14 2.88 -7.32 -14.74
C LEU A 14 2.97 -6.50 -16.02
N ILE A 15 3.92 -5.57 -16.04
CA ILE A 15 4.09 -4.74 -17.23
C ILE A 15 5.32 -5.21 -18.03
N SER A 16 5.14 -5.78 -19.19
CA SER A 16 6.28 -6.23 -19.96
C SER A 16 6.45 -5.43 -21.22
N LEU A 17 7.67 -4.99 -21.41
CA LEU A 17 8.10 -4.21 -22.56
C LEU A 17 9.11 -4.96 -23.43
N THR A 18 8.92 -4.84 -24.75
CA THR A 18 9.79 -5.43 -25.78
C THR A 18 10.25 -4.29 -26.70
N ASN A 19 11.54 -4.16 -26.94
CA ASN A 19 12.06 -3.10 -27.81
C ASN A 19 12.15 -3.53 -29.30
N LYS A 20 12.82 -2.74 -30.12
CA LYS A 20 12.94 -3.05 -31.56
C LYS A 20 14.01 -4.06 -31.81
N ALA A 21 14.75 -4.37 -30.77
CA ALA A 21 15.78 -5.35 -30.84
C ALA A 21 15.23 -6.68 -30.40
N GLY A 22 13.94 -6.66 -30.03
CA GLY A 22 13.20 -7.81 -29.56
C GLY A 22 13.60 -8.19 -28.15
N VAL A 23 14.26 -7.27 -27.45
CA VAL A 23 14.60 -7.60 -26.06
C VAL A 23 13.42 -7.35 -25.11
N THR A 24 13.05 -8.37 -24.35
CA THR A 24 11.95 -8.26 -23.42
C THR A 24 12.40 -7.87 -22.00
N ILE A 25 11.42 -7.37 -21.24
CA ILE A 25 11.66 -6.97 -19.88
C ILE A 25 10.34 -6.80 -19.14
N SER A 26 10.28 -7.13 -17.84
CA SER A 26 9.02 -6.98 -17.17
C SER A 26 9.10 -6.52 -15.72
N PHE A 27 8.13 -5.71 -15.32
CA PHE A 27 8.07 -5.24 -13.94
C PHE A 27 6.71 -5.57 -13.29
N THR A 28 6.63 -5.46 -11.93
CA THR A 28 5.35 -5.65 -11.27
C THR A 28 5.11 -4.50 -10.32
N ASN A 29 3.84 -4.12 -10.03
CA ASN A 29 3.62 -3.05 -9.07
C ASN A 29 3.85 -3.53 -7.63
N LEU A 30 3.94 -4.85 -7.43
CA LEU A 30 4.24 -5.43 -6.10
C LEU A 30 5.71 -5.11 -5.72
N GLY A 31 5.97 -3.98 -5.04
CA GLY A 31 7.31 -3.59 -4.69
C GLY A 31 8.04 -2.85 -5.83
N ALA A 32 7.28 -2.36 -6.83
CA ALA A 32 7.95 -1.65 -7.95
C ALA A 32 9.26 -2.36 -8.40
N ARG A 33 9.16 -3.65 -8.69
CA ARG A 33 10.31 -4.43 -9.15
C ARG A 33 10.25 -4.83 -10.61
N ILE A 34 11.41 -5.32 -11.05
CA ILE A 34 11.64 -5.87 -12.36
C ILE A 34 11.60 -7.37 -12.13
N VAL A 35 10.73 -8.03 -12.85
CA VAL A 35 10.48 -9.41 -12.69
C VAL A 35 11.37 -10.30 -13.53
N ASP A 36 11.76 -9.78 -14.70
CA ASP A 36 12.57 -10.52 -15.61
C ASP A 36 13.11 -9.62 -16.70
N TRP A 37 14.10 -10.15 -17.39
CA TRP A 37 14.80 -9.48 -18.46
C TRP A 37 15.45 -10.57 -19.31
N GLN A 38 14.88 -10.84 -20.48
CA GLN A 38 15.44 -11.85 -21.34
C GLN A 38 16.12 -11.38 -22.61
N LYS A 39 16.80 -12.32 -23.20
CA LYS A 39 17.50 -12.08 -24.43
C LYS A 39 17.85 -13.34 -25.14
N ASP A 40 16.91 -13.81 -25.97
CA ASP A 40 17.07 -15.02 -26.76
C ASP A 40 16.59 -16.22 -25.97
N GLY A 41 15.60 -15.96 -25.13
CA GLY A 41 14.98 -16.96 -24.28
C GLY A 41 15.86 -17.15 -23.08
N LYS A 42 16.78 -16.19 -22.97
CA LYS A 42 17.80 -16.07 -21.93
C LYS A 42 17.41 -15.19 -20.77
N HIS A 43 17.51 -15.68 -19.53
CA HIS A 43 17.28 -14.77 -18.42
C HIS A 43 18.62 -14.24 -18.05
N LEU A 44 18.66 -12.93 -17.90
CA LEU A 44 19.87 -12.23 -17.54
C LEU A 44 19.80 -11.85 -16.06
N ILE A 45 18.58 -12.10 -15.50
CA ILE A 45 18.26 -11.87 -14.09
C ILE A 45 17.53 -13.02 -13.40
N LEU A 46 17.42 -12.87 -12.09
CA LEU A 46 16.79 -13.81 -11.18
C LEU A 46 15.39 -13.31 -10.94
N GLY A 47 14.37 -14.19 -11.04
CA GLY A 47 12.96 -13.85 -10.89
C GLY A 47 12.00 -15.06 -10.80
N PHE A 48 10.82 -14.81 -10.28
CA PHE A 48 9.82 -15.88 -10.15
C PHE A 48 8.75 -15.64 -11.17
N ASP A 49 7.81 -16.57 -11.20
CA ASP A 49 6.72 -16.56 -12.11
C ASP A 49 5.43 -15.99 -11.61
N SER A 50 5.34 -15.70 -10.30
CA SER A 50 4.09 -15.14 -9.74
C SER A 50 4.32 -14.29 -8.52
N ALA A 51 3.33 -13.49 -8.19
CA ALA A 51 3.48 -12.67 -7.03
C ALA A 51 3.67 -13.59 -5.82
N LYS A 52 2.79 -14.57 -5.66
CA LYS A 52 2.95 -15.48 -4.51
C LYS A 52 4.38 -15.95 -4.22
N GLU A 53 5.13 -16.23 -5.30
CA GLU A 53 6.51 -16.68 -5.19
C GLU A 53 7.39 -15.68 -4.44
N TYR A 54 7.20 -14.40 -4.75
CA TYR A 54 7.98 -13.37 -4.08
C TYR A 54 7.56 -13.35 -2.64
N LEU A 55 6.25 -13.35 -2.41
CA LEU A 55 5.80 -13.29 -1.01
C LEU A 55 6.16 -14.53 -0.20
N GLU A 56 6.35 -15.66 -0.84
CA GLU A 56 6.65 -16.88 -0.09
C GLU A 56 8.10 -17.33 0.00
N LYS A 57 8.89 -17.00 -1.02
CA LYS A 57 10.28 -17.41 -1.07
C LYS A 57 11.29 -16.34 -0.71
N ASP A 58 11.18 -15.19 -1.36
CA ASP A 58 12.07 -14.10 -1.14
C ASP A 58 11.52 -12.84 -1.69
N ALA A 59 11.10 -11.96 -0.76
CA ALA A 59 10.49 -10.75 -1.24
C ALA A 59 11.40 -9.64 -1.67
N TYR A 60 12.72 -9.82 -1.58
CA TYR A 60 13.60 -8.75 -2.00
C TYR A 60 14.06 -8.72 -3.47
N PRO A 61 14.20 -9.87 -4.10
CA PRO A 61 14.73 -9.82 -5.44
C PRO A 61 14.14 -8.84 -6.42
N GLY A 62 14.97 -7.92 -6.99
CA GLY A 62 14.53 -6.95 -8.03
C GLY A 62 13.65 -5.79 -7.57
N ALA A 63 13.26 -5.86 -6.30
CA ALA A 63 12.39 -4.82 -5.76
C ALA A 63 13.10 -3.51 -5.53
N THR A 64 12.25 -2.49 -5.34
CA THR A 64 12.62 -1.17 -4.90
C THR A 64 12.57 -1.36 -3.39
N VAL A 65 13.72 -1.14 -2.76
CA VAL A 65 13.85 -1.32 -1.34
C VAL A 65 14.15 0.03 -0.67
N GLY A 66 13.52 0.25 0.49
CA GLY A 66 13.70 1.52 1.23
C GLY A 66 12.68 1.56 2.38
N PRO A 67 12.33 2.76 2.92
CA PRO A 67 12.94 4.04 2.53
C PRO A 67 14.47 4.07 2.60
N THR A 68 15.05 3.33 3.54
CA THR A 68 16.55 3.27 3.68
C THR A 68 17.06 1.88 3.31
N ALA A 69 17.94 1.81 2.34
CA ALA A 69 18.45 0.54 1.88
C ALA A 69 19.64 0.12 2.71
N GLY A 70 19.79 -1.16 3.00
CA GLY A 70 20.96 -1.67 3.77
C GLY A 70 20.58 -1.80 5.23
N ARG A 71 21.55 -2.00 6.10
CA ARG A 71 21.17 -2.08 7.49
C ARG A 71 21.53 -0.85 8.22
N ILE A 72 20.79 -0.64 9.31
CA ILE A 72 20.99 0.49 10.17
C ILE A 72 21.14 -0.05 11.55
N LYS A 73 22.34 0.19 12.11
CA LYS A 73 22.68 -0.29 13.43
C LYS A 73 21.64 0.12 14.44
N ASP A 74 21.03 -0.88 15.11
CA ASP A 74 20.02 -0.63 16.13
C ASP A 74 18.81 0.15 15.63
N GLY A 75 18.66 0.28 14.31
CA GLY A 75 17.57 1.07 13.70
C GLY A 75 17.64 2.55 14.09
N LEU A 76 18.74 2.97 14.72
CA LEU A 76 18.85 4.34 15.16
C LEU A 76 19.20 5.38 14.09
N VAL A 77 18.54 6.50 14.15
CA VAL A 77 18.83 7.57 13.23
C VAL A 77 18.62 8.87 14.01
N LYS A 78 19.47 9.87 13.77
CA LYS A 78 19.43 11.21 14.35
C LYS A 78 18.91 12.21 13.33
N ILE A 79 17.69 12.63 13.53
CA ILE A 79 17.10 13.56 12.62
C ILE A 79 17.00 14.90 13.29
N SER A 80 17.60 15.92 12.66
CA SER A 80 17.54 17.24 13.21
C SER A 80 17.75 17.18 14.72
N GLY A 81 18.82 16.51 15.15
CA GLY A 81 19.09 16.39 16.56
C GLY A 81 18.51 15.12 17.22
N LYS A 82 17.17 15.04 17.35
CA LYS A 82 16.47 13.93 17.96
C LYS A 82 16.81 12.52 17.45
N ASP A 83 16.83 11.58 18.39
CA ASP A 83 17.13 10.19 18.05
C ASP A 83 15.84 9.45 17.76
N TYR A 84 15.80 8.83 16.56
CA TYR A 84 14.66 8.04 16.12
C TYR A 84 15.08 6.60 15.91
N ILE A 85 14.19 5.71 16.35
CA ILE A 85 14.38 4.28 16.18
C ILE A 85 13.33 3.74 15.15
N LEU A 86 13.83 3.19 14.08
CA LEU A 86 12.99 2.66 13.05
C LEU A 86 12.80 1.20 13.34
N ASN A 87 11.82 0.64 12.67
CA ASN A 87 11.43 -0.77 12.79
C ASN A 87 12.60 -1.72 12.72
N GLN A 88 12.75 -2.52 13.79
CA GLN A 88 13.81 -3.50 13.86
C GLN A 88 13.37 -4.82 13.27
N ASN A 89 13.92 -5.09 12.11
CA ASN A 89 13.69 -6.15 11.15
C ASN A 89 14.60 -7.39 11.32
N GLU A 90 15.89 -7.10 11.51
CA GLU A 90 16.91 -8.12 11.64
C GLU A 90 17.60 -7.99 12.99
N GLY A 91 17.02 -8.66 13.98
CA GLY A 91 17.52 -8.54 15.32
C GLY A 91 17.16 -7.14 15.72
N PRO A 92 18.14 -6.36 16.10
CA PRO A 92 17.86 -4.99 16.52
C PRO A 92 18.08 -4.01 15.41
N GLN A 93 18.55 -4.55 14.29
CA GLN A 93 18.81 -3.73 13.11
C GLN A 93 17.62 -3.50 12.20
N THR A 94 17.69 -2.40 11.45
CA THR A 94 16.65 -2.11 10.47
C THR A 94 17.20 -2.55 9.11
N LEU A 95 16.71 -3.69 8.57
CA LEU A 95 17.11 -4.19 7.26
C LEU A 95 16.15 -3.69 6.20
N HIS A 96 16.68 -2.85 5.28
CA HIS A 96 15.92 -2.33 4.13
C HIS A 96 14.53 -1.79 4.50
N GLY A 97 14.47 -0.81 5.40
CA GLY A 97 13.20 -0.18 5.73
C GLY A 97 12.32 -0.82 6.80
N GLY A 98 12.70 -1.96 7.33
CA GLY A 98 11.87 -2.51 8.36
C GLY A 98 10.95 -3.57 7.83
N GLU A 99 10.14 -4.07 8.74
CA GLU A 99 9.24 -5.13 8.36
C GLU A 99 8.16 -4.62 7.41
N GLU A 100 7.80 -5.50 6.48
CA GLU A 100 6.75 -5.26 5.53
C GLU A 100 6.83 -3.83 4.99
N SER A 101 7.94 -3.55 4.32
CA SER A 101 8.18 -2.22 3.82
C SER A 101 7.68 -2.10 2.42
N ILE A 102 8.09 -1.04 1.75
CA ILE A 102 7.75 -0.75 0.38
C ILE A 102 7.94 -1.81 -0.69
N HIS A 103 8.76 -2.80 -0.43
CA HIS A 103 8.92 -3.86 -1.42
C HIS A 103 7.71 -4.82 -1.42
N THR A 104 6.94 -4.80 -0.33
CA THR A 104 5.81 -5.67 -0.15
C THR A 104 4.45 -5.07 -0.46
N LYS A 105 4.46 -3.78 -0.77
CA LYS A 105 3.28 -3.00 -1.08
C LYS A 105 2.95 -2.91 -2.60
N LEU A 106 1.63 -2.81 -2.97
CA LEU A 106 1.29 -2.66 -4.38
C LEU A 106 1.27 -1.20 -4.72
N TRP A 107 2.24 -0.76 -5.52
CA TRP A 107 2.31 0.62 -5.97
C TRP A 107 1.29 0.89 -7.07
N THR A 108 0.75 2.12 -7.19
CA THR A 108 -0.11 2.41 -8.31
C THR A 108 0.88 2.71 -9.41
N TYR A 109 0.45 2.78 -10.66
CA TYR A 109 1.33 3.04 -11.76
C TYR A 109 0.63 3.60 -13.02
N GLU A 110 1.44 4.24 -13.87
CA GLU A 110 1.09 4.82 -15.14
C GLU A 110 2.26 4.50 -16.09
N VAL A 111 1.88 4.21 -17.31
CA VAL A 111 2.80 3.90 -18.38
C VAL A 111 2.76 4.99 -19.41
N THR A 112 3.92 5.32 -19.92
CA THR A 112 4.01 6.34 -20.92
C THR A 112 4.88 5.86 -22.05
N ASP A 113 4.24 5.57 -23.20
CA ASP A 113 4.93 5.08 -24.39
C ASP A 113 5.49 6.23 -25.23
N LEU A 114 6.80 6.40 -25.17
CA LEU A 114 7.43 7.45 -25.94
C LEU A 114 7.99 6.94 -27.27
N GLY A 115 7.71 5.70 -27.64
CA GLY A 115 8.20 5.18 -28.93
C GLY A 115 9.46 4.33 -28.82
N ALA A 116 10.58 5.02 -28.60
CA ALA A 116 11.91 4.43 -28.44
C ALA A 116 12.17 4.06 -27.00
N GLU A 117 11.21 4.46 -26.16
CA GLU A 117 11.26 4.28 -24.72
C GLU A 117 9.88 4.21 -24.14
N VAL A 118 9.71 3.31 -23.19
CA VAL A 118 8.45 3.20 -22.49
C VAL A 118 8.78 3.41 -21.02
N GLN A 119 7.95 4.13 -20.31
CA GLN A 119 8.22 4.37 -18.91
C GLN A 119 7.02 3.94 -18.11
N VAL A 120 7.31 3.25 -17.03
CA VAL A 120 6.30 2.76 -16.09
C VAL A 120 6.60 3.44 -14.74
N LYS A 121 5.74 4.39 -14.38
CA LYS A 121 5.88 5.18 -13.18
C LYS A 121 5.04 4.66 -12.02
N PHE A 122 5.75 4.17 -11.03
CA PHE A 122 5.15 3.61 -9.86
C PHE A 122 5.07 4.61 -8.76
N SER A 123 3.98 4.65 -8.07
CA SER A 123 3.86 5.61 -6.99
C SER A 123 3.33 4.97 -5.72
N LEU A 124 3.78 5.52 -4.62
CA LEU A 124 3.40 5.03 -3.33
C LEU A 124 3.70 6.12 -2.35
N VAL A 125 2.82 6.19 -1.35
CA VAL A 125 2.98 7.16 -0.29
C VAL A 125 3.40 6.53 1.04
N SER A 126 4.51 6.98 1.57
CA SER A 126 4.97 6.51 2.85
C SER A 126 4.44 7.42 3.98
N ASN A 127 3.35 6.99 4.64
CA ASN A 127 2.70 7.80 5.72
C ASN A 127 3.65 8.20 6.82
N ASP A 128 3.33 9.41 7.36
CA ASP A 128 4.02 9.92 8.50
C ASP A 128 4.01 8.84 9.59
N GLY A 129 5.20 8.53 10.06
CA GLY A 129 5.40 7.54 11.10
C GLY A 129 5.50 6.10 10.58
N THR A 130 5.34 5.89 9.34
CA THR A 130 5.42 4.48 8.89
C THR A 130 6.72 3.84 9.19
N ASN A 131 6.70 2.82 10.03
CA ASN A 131 7.90 2.10 10.43
C ASN A 131 8.90 2.99 11.16
N GLY A 132 8.38 4.00 11.86
CA GLY A 132 9.19 4.94 12.61
C GLY A 132 9.64 6.13 11.75
N TYR A 133 9.51 6.04 10.42
CA TYR A 133 9.90 7.11 9.49
C TYR A 133 9.06 8.43 9.50
N PRO A 134 9.63 9.54 9.90
CA PRO A 134 8.88 10.76 9.86
C PRO A 134 8.40 11.10 8.46
N GLY A 135 7.20 11.78 8.28
CA GLY A 135 6.79 12.07 6.94
C GLY A 135 5.49 12.89 6.74
N LYS A 136 4.77 12.74 5.69
CA LYS A 136 4.68 11.73 4.69
C LYS A 136 5.61 11.93 3.56
N ILE A 137 6.01 10.76 3.00
CA ILE A 137 6.92 10.77 1.88
C ILE A 137 6.28 10.25 0.59
N GLU A 138 5.92 11.21 -0.28
CA GLU A 138 5.41 10.86 -1.59
C GLU A 138 6.58 10.41 -2.46
N MET A 139 6.65 9.11 -2.72
CA MET A 139 7.67 8.52 -3.56
C MET A 139 7.10 8.04 -4.89
N SER A 140 7.99 7.96 -5.87
CA SER A 140 7.68 7.48 -7.24
C SER A 140 8.93 6.81 -7.77
N VAL A 141 8.77 5.72 -8.45
CA VAL A 141 9.90 5.04 -9.07
C VAL A 141 9.61 4.78 -10.48
N THR A 142 10.42 5.33 -11.36
CA THR A 142 10.16 5.05 -12.76
C THR A 142 11.09 3.99 -13.34
N HIS A 143 10.48 2.99 -14.03
CA HIS A 143 11.25 1.94 -14.67
C HIS A 143 11.03 2.06 -16.16
N SER A 144 12.08 2.35 -16.93
CA SER A 144 11.99 2.51 -18.36
C SER A 144 12.97 1.61 -19.03
N PHE A 145 12.63 1.27 -20.27
CA PHE A 145 13.37 0.45 -21.21
C PHE A 145 13.34 1.15 -22.56
N ASP A 146 14.54 1.40 -23.08
CA ASP A 146 14.78 2.07 -24.37
C ASP A 146 15.15 1.06 -25.49
N ASP A 147 15.11 1.55 -26.73
CA ASP A 147 15.35 0.79 -27.95
C ASP A 147 16.81 0.39 -28.16
N ASP A 148 17.64 0.95 -27.32
CA ASP A 148 19.04 0.62 -27.41
C ASP A 148 19.58 -0.05 -26.14
N ASN A 149 18.73 -0.97 -25.63
CA ASN A 149 18.95 -1.84 -24.50
C ASN A 149 19.31 -1.19 -23.19
N LYS A 150 18.69 -0.08 -22.92
CA LYS A 150 18.96 0.56 -21.67
C LYS A 150 17.87 0.47 -20.59
N TRP A 151 18.24 -0.13 -19.47
CA TRP A 151 17.37 -0.23 -18.30
C TRP A 151 17.65 0.90 -17.31
N LYS A 152 16.75 1.88 -17.29
CA LYS A 152 16.90 3.00 -16.42
C LYS A 152 15.88 3.08 -15.27
N ILE A 153 16.37 3.43 -14.07
CA ILE A 153 15.57 3.63 -12.87
C ILE A 153 15.72 5.07 -12.36
N HIS A 154 14.59 5.77 -12.22
CA HIS A 154 14.68 7.13 -11.76
C HIS A 154 13.86 7.34 -10.52
N TYR A 155 14.52 7.80 -9.43
CA TYR A 155 13.82 7.96 -8.16
C TYR A 155 13.51 9.43 -7.94
N GLU A 156 12.34 9.67 -7.32
CA GLU A 156 11.84 10.99 -6.95
C GLU A 156 11.11 10.96 -5.58
N ALA A 157 11.33 11.95 -4.72
CA ALA A 157 10.64 11.99 -3.42
C ALA A 157 10.54 13.36 -2.76
N ILE A 158 9.42 13.51 -2.04
CA ILE A 158 9.07 14.70 -1.27
C ILE A 158 8.44 14.35 0.07
N SER A 159 8.87 15.07 1.09
CA SER A 159 8.41 14.80 2.42
C SER A 159 7.98 16.07 3.14
N ASP A 160 6.90 15.89 3.87
CA ASP A 160 6.37 17.00 4.66
C ASP A 160 7.28 17.31 5.86
N LYS A 161 8.07 16.29 6.22
CA LYS A 161 8.94 16.40 7.35
C LYS A 161 10.41 16.03 7.09
N ASP A 162 11.31 16.64 7.86
CA ASP A 162 12.68 16.23 7.73
C ASP A 162 12.70 14.73 7.98
N THR A 163 13.37 14.01 7.09
CA THR A 163 13.39 12.58 7.20
C THR A 163 14.69 11.99 6.69
N VAL A 164 14.64 10.69 6.37
CA VAL A 164 15.77 9.98 5.81
C VAL A 164 15.33 9.25 4.56
N PHE A 165 16.18 9.22 3.58
CA PHE A 165 15.82 8.62 2.31
C PHE A 165 17.07 8.19 1.55
N ASN A 166 17.10 6.92 1.25
CA ASN A 166 18.20 6.30 0.53
C ASN A 166 17.77 4.94 0.04
N PRO A 167 16.89 4.96 -0.96
CA PRO A 167 16.35 3.74 -1.56
C PRO A 167 17.24 3.19 -2.63
N THR A 168 17.01 1.93 -3.02
CA THR A 168 17.76 1.29 -4.09
C THR A 168 16.94 0.18 -4.76
N GLY A 169 17.47 -0.23 -5.92
CA GLY A 169 16.94 -1.31 -6.74
C GLY A 169 17.66 -2.61 -6.39
N HIS A 170 16.87 -3.63 -6.06
CA HIS A 170 17.39 -4.90 -5.60
C HIS A 170 17.49 -6.07 -6.60
N VAL A 171 17.81 -5.78 -7.82
CA VAL A 171 18.01 -6.87 -8.80
C VAL A 171 19.31 -7.68 -8.49
N TYR A 172 19.29 -8.87 -9.00
CA TYR A 172 20.33 -9.85 -8.95
C TYR A 172 20.49 -10.21 -10.38
N PHE A 173 21.74 -10.29 -10.84
CA PHE A 173 22.00 -10.73 -12.20
C PHE A 173 22.48 -12.18 -12.27
N ASN A 174 22.26 -12.80 -13.43
CA ASN A 174 22.76 -14.15 -13.71
C ASN A 174 22.71 -14.52 -15.16
N LEU A 175 23.76 -14.11 -15.88
CA LEU A 175 23.88 -14.35 -17.30
C LEU A 175 23.80 -15.83 -17.66
N ASN A 176 24.23 -16.72 -16.77
CA ASN A 176 24.06 -18.11 -17.08
C ASN A 176 22.62 -18.42 -17.33
N GLY A 177 21.75 -17.54 -16.79
CA GLY A 177 20.32 -17.65 -16.90
C GLY A 177 19.84 -18.85 -16.10
N ASP A 178 20.79 -19.44 -15.42
CA ASP A 178 20.46 -20.59 -14.65
C ASP A 178 20.93 -20.34 -13.27
N ALA A 179 19.94 -20.37 -12.39
CA ALA A 179 20.06 -20.13 -10.98
C ALA A 179 20.89 -21.22 -10.34
N SER A 180 20.88 -22.39 -10.95
CA SER A 180 21.73 -23.43 -10.43
C SER A 180 23.16 -23.23 -10.88
N GLU A 181 23.43 -22.12 -11.60
CA GLU A 181 24.79 -21.85 -12.00
C GLU A 181 25.41 -20.58 -11.42
N SER A 182 26.54 -20.80 -10.75
CA SER A 182 27.35 -19.80 -10.10
C SER A 182 27.83 -18.68 -10.99
N VAL A 183 27.71 -17.48 -10.46
CA VAL A 183 28.13 -16.25 -11.13
C VAL A 183 29.68 -16.15 -11.14
N GLU A 184 30.26 -17.26 -10.71
CA GLU A 184 31.69 -17.52 -10.61
C GLU A 184 32.44 -17.19 -11.90
N ASN A 185 31.89 -17.62 -13.03
CA ASN A 185 32.46 -17.49 -14.38
C ASN A 185 32.40 -16.09 -14.98
N HIS A 186 31.67 -15.19 -14.36
CA HIS A 186 31.57 -13.88 -14.96
C HIS A 186 32.74 -12.99 -14.63
N GLY A 187 33.02 -12.06 -15.54
CA GLY A 187 34.06 -11.11 -15.26
C GLY A 187 33.46 -9.83 -14.68
N LEU A 188 34.16 -9.26 -13.71
CA LEU A 188 33.66 -8.03 -13.14
C LEU A 188 34.71 -6.93 -13.16
N ARG A 189 34.22 -5.73 -13.45
CA ARG A 189 34.96 -4.48 -13.53
C ARG A 189 34.23 -3.44 -12.68
N LEU A 190 34.91 -2.75 -11.84
CA LEU A 190 34.29 -1.80 -10.94
C LEU A 190 35.28 -0.68 -10.63
N ALA A 191 34.77 0.55 -10.66
CA ALA A 191 35.62 1.68 -10.44
C ALA A 191 35.65 2.10 -9.01
N ALA A 192 35.93 1.08 -8.20
CA ALA A 192 36.06 1.17 -6.76
C ALA A 192 37.45 0.70 -6.29
N SER A 193 38.07 1.58 -5.46
CA SER A 193 39.38 1.39 -4.84
C SER A 193 39.29 1.30 -3.29
N ARG A 194 38.13 1.62 -2.78
CA ARG A 194 37.86 1.59 -1.36
C ARG A 194 36.65 0.62 -1.11
N PHE A 195 36.51 0.15 0.14
CA PHE A 195 35.40 -0.71 0.50
C PHE A 195 35.03 -0.54 1.97
N VAL A 196 33.83 -0.95 2.44
CA VAL A 196 33.45 -0.74 3.84
C VAL A 196 33.30 -2.07 4.53
N PRO A 197 34.30 -2.45 5.33
CA PRO A 197 34.27 -3.74 5.99
C PRO A 197 33.16 -3.94 7.02
N LEU A 198 32.77 -5.22 7.18
CA LEU A 198 31.71 -5.47 8.13
C LEU A 198 32.29 -6.03 9.39
N LYS A 199 31.79 -5.58 10.52
CA LYS A 199 32.32 -6.06 11.76
C LYS A 199 32.06 -7.53 12.09
N ASP A 200 30.80 -7.91 11.99
CA ASP A 200 30.40 -9.26 12.29
C ASP A 200 29.55 -9.90 11.25
N GLN A 201 28.99 -10.98 11.75
CA GLN A 201 28.02 -11.81 11.09
C GLN A 201 26.66 -11.13 11.23
N THR A 202 26.70 -10.16 12.14
CA THR A 202 25.65 -9.24 12.52
C THR A 202 25.49 -8.37 11.30
N GLU A 203 26.64 -8.26 10.64
CA GLU A 203 26.71 -7.56 9.38
C GLU A 203 26.62 -6.03 9.44
N ILE A 204 26.83 -5.45 10.60
CA ILE A 204 26.80 -4.01 10.66
C ILE A 204 28.15 -3.53 10.14
N VAL A 205 28.23 -2.23 9.92
CA VAL A 205 29.48 -1.71 9.43
C VAL A 205 30.48 -1.72 10.59
N ARG A 206 31.76 -1.54 10.33
CA ARG A 206 32.68 -1.52 11.45
C ARG A 206 33.24 -0.14 11.72
N GLY A 207 33.27 0.75 10.74
CA GLY A 207 33.83 2.06 11.04
C GLY A 207 34.99 2.41 10.12
N ASP A 208 35.54 1.40 9.50
CA ASP A 208 36.66 1.52 8.58
C ASP A 208 36.25 1.83 7.18
N ILE A 209 37.22 2.30 6.45
CA ILE A 209 37.11 2.51 5.03
C ILE A 209 38.39 1.84 4.57
N VAL A 210 38.38 1.03 3.56
CA VAL A 210 39.65 0.38 3.36
C VAL A 210 40.17 0.32 1.94
N ASP A 211 41.43 0.75 1.82
CA ASP A 211 42.12 0.73 0.56
C ASP A 211 42.20 -0.70 0.11
N ILE A 212 41.37 -1.01 -0.86
CA ILE A 212 41.26 -2.34 -1.45
C ILE A 212 42.34 -2.63 -2.48
N LYS A 213 43.29 -1.71 -2.58
CA LYS A 213 44.33 -1.86 -3.54
C LYS A 213 44.97 -3.24 -3.68
N ASN A 214 45.58 -3.76 -2.61
CA ASN A 214 46.24 -5.06 -2.76
C ASN A 214 45.28 -6.17 -3.17
N THR A 215 44.49 -6.41 -2.12
CA THR A 215 43.42 -7.29 -1.85
C THR A 215 42.62 -7.61 -3.08
N ASP A 216 42.14 -8.87 -3.11
CA ASP A 216 41.38 -9.51 -4.20
C ASP A 216 40.15 -8.78 -4.58
N LEU A 217 39.73 -7.88 -3.71
CA LEU A 217 38.54 -7.14 -3.96
C LEU A 217 38.79 -5.98 -4.94
N ASP A 218 39.85 -6.15 -5.75
CA ASP A 218 40.27 -5.23 -6.79
C ASP A 218 39.76 -5.72 -8.16
N PHE A 219 38.72 -5.05 -8.66
CA PHE A 219 38.06 -5.34 -9.92
C PHE A 219 38.26 -4.17 -10.83
N ARG A 220 39.06 -3.24 -10.37
CA ARG A 220 39.37 -2.09 -11.18
C ARG A 220 39.76 -2.63 -12.54
N GLN A 221 40.63 -3.61 -12.50
CA GLN A 221 41.07 -4.31 -13.68
C GLN A 221 40.09 -5.45 -13.80
N GLU A 222 39.52 -5.61 -14.95
CA GLU A 222 38.58 -6.68 -15.06
C GLU A 222 39.23 -7.97 -14.62
N LYS A 223 38.50 -8.79 -13.87
CA LYS A 223 38.98 -10.06 -13.36
C LYS A 223 37.82 -10.94 -12.94
N GLN A 224 37.93 -12.27 -13.14
CA GLN A 224 36.87 -13.22 -12.78
C GLN A 224 36.41 -13.16 -11.34
N LEU A 225 35.14 -13.57 -11.13
CA LEU A 225 34.53 -13.62 -9.81
C LEU A 225 35.19 -14.64 -8.88
N SER A 226 35.72 -15.67 -9.51
CA SER A 226 36.44 -16.71 -8.82
C SER A 226 37.46 -16.09 -7.89
N ASN A 227 38.27 -15.19 -8.43
CA ASN A 227 39.29 -14.57 -7.62
C ASN A 227 38.78 -14.17 -6.26
N ALA A 228 37.65 -13.48 -6.21
CA ALA A 228 37.08 -13.12 -4.90
C ALA A 228 36.46 -14.34 -4.18
N PHE A 229 35.78 -15.23 -4.90
CA PHE A 229 35.18 -16.42 -4.30
C PHE A 229 36.13 -17.42 -3.72
N ASN A 230 37.09 -17.87 -4.51
CA ASN A 230 38.00 -18.85 -3.93
C ASN A 230 39.10 -18.26 -3.02
N SER A 231 38.91 -16.96 -2.64
CA SER A 231 39.80 -16.13 -1.78
C SER A 231 39.73 -16.30 -0.26
N ASN A 232 40.74 -15.71 0.38
CA ASN A 232 40.84 -15.79 1.82
C ASN A 232 40.82 -14.52 2.65
N MET A 233 40.48 -13.35 2.14
CA MET A 233 40.50 -12.24 3.08
C MET A 233 39.58 -12.60 4.20
N GLU A 234 39.78 -12.01 5.34
CA GLU A 234 38.93 -12.31 6.45
C GLU A 234 37.52 -11.79 6.14
N GLN A 235 37.46 -10.70 5.33
CA GLN A 235 36.20 -10.12 4.92
C GLN A 235 35.36 -11.10 4.05
N VAL A 236 35.96 -11.61 2.98
CA VAL A 236 35.28 -12.58 2.13
C VAL A 236 34.90 -13.82 2.94
N GLN A 237 35.75 -14.22 3.85
CA GLN A 237 35.42 -15.43 4.58
C GLN A 237 34.19 -15.24 5.46
N LEU A 238 34.10 -14.02 5.98
CA LEU A 238 33.09 -13.54 6.89
C LEU A 238 31.68 -13.63 6.40
N VAL A 239 31.51 -13.15 5.18
CA VAL A 239 30.25 -13.04 4.49
C VAL A 239 30.07 -14.22 3.56
N LYS A 240 31.11 -14.99 3.47
CA LYS A 240 31.07 -16.17 2.65
C LYS A 240 30.85 -15.85 1.18
N GLY A 241 31.44 -14.72 0.79
CA GLY A 241 31.32 -14.24 -0.56
C GLY A 241 31.47 -12.75 -0.58
N ILE A 242 30.50 -12.04 -1.14
CA ILE A 242 30.52 -10.60 -1.21
C ILE A 242 29.20 -10.04 -0.70
N ASP A 243 29.26 -9.22 0.36
CA ASP A 243 28.11 -8.59 0.99
C ASP A 243 28.52 -7.23 1.51
N HIS A 244 29.30 -6.57 0.63
CA HIS A 244 29.92 -5.28 0.89
C HIS A 244 29.54 -4.13 -0.01
N PRO A 245 29.67 -2.90 0.57
CA PRO A 245 29.46 -1.62 -0.10
C PRO A 245 30.77 -1.11 -0.70
N PHE A 246 30.80 -0.99 -2.04
CA PHE A 246 31.94 -0.44 -2.79
C PHE A 246 31.78 1.04 -3.06
N LEU A 247 32.86 1.75 -2.85
CA LEU A 247 32.84 3.17 -3.04
C LEU A 247 33.48 3.49 -4.40
N LEU A 248 32.83 4.34 -5.14
CA LEU A 248 33.38 4.64 -6.45
C LEU A 248 34.35 5.83 -6.47
N ASP A 249 35.26 5.74 -7.43
CA ASP A 249 36.29 6.74 -7.60
C ASP A 249 35.76 8.01 -8.29
N GLN A 250 35.06 7.82 -9.38
CA GLN A 250 34.51 8.99 -10.04
C GLN A 250 32.99 9.10 -9.86
N LEU A 251 32.51 10.24 -9.44
CA LEU A 251 31.09 10.39 -9.27
C LEU A 251 30.51 10.99 -10.54
N GLY A 252 29.29 10.57 -10.91
CA GLY A 252 28.65 11.08 -12.13
C GLY A 252 27.95 10.01 -12.97
N LEU A 253 26.80 10.40 -13.51
CA LEU A 253 26.01 9.51 -14.33
C LEU A 253 26.66 9.17 -15.67
N ASP A 254 27.58 10.03 -16.10
CA ASP A 254 28.30 9.87 -17.35
C ASP A 254 29.04 8.56 -17.49
N LYS A 255 29.81 8.24 -16.45
CA LYS A 255 30.72 7.08 -16.32
C LYS A 255 30.17 5.68 -16.14
N GLU A 256 30.86 4.71 -16.78
CA GLU A 256 30.60 3.28 -16.60
C GLU A 256 31.19 3.04 -15.19
N GLN A 257 30.44 2.48 -14.27
CA GLN A 257 31.01 2.29 -12.98
C GLN A 257 31.35 0.85 -12.68
N ALA A 258 30.77 -0.02 -13.44
CA ALA A 258 31.00 -1.44 -13.32
C ALA A 258 30.50 -2.19 -14.55
N ARG A 259 31.07 -3.36 -14.78
CA ARG A 259 30.67 -4.13 -15.95
C ARG A 259 30.58 -5.61 -15.62
N LEU A 260 29.40 -6.20 -15.87
CA LEU A 260 29.19 -7.61 -15.63
C LEU A 260 29.14 -8.38 -16.94
N THR A 261 30.21 -9.12 -17.18
CA THR A 261 30.25 -9.85 -18.40
C THR A 261 30.48 -11.35 -18.31
N LEU A 262 29.79 -11.98 -19.28
CA LEU A 262 29.79 -13.40 -19.55
C LEU A 262 29.80 -13.58 -21.03
N ASP A 263 30.93 -14.02 -21.55
CA ASP A 263 31.03 -14.29 -22.96
C ASP A 263 30.73 -13.14 -23.91
N ASP A 264 29.70 -13.26 -24.74
CA ASP A 264 29.45 -12.14 -25.68
C ASP A 264 28.55 -11.06 -25.12
N THR A 265 27.77 -11.47 -24.11
CA THR A 265 26.80 -10.68 -23.39
C THR A 265 27.39 -10.05 -22.16
N SER A 266 27.11 -8.75 -22.00
CA SER A 266 27.62 -7.96 -20.88
C SER A 266 26.57 -6.97 -20.33
N ILE A 267 26.68 -6.59 -19.04
CA ILE A 267 25.75 -5.60 -18.47
C ILE A 267 26.47 -4.41 -17.84
N SER A 268 26.33 -3.20 -18.39
CA SER A 268 27.03 -2.07 -17.81
C SER A 268 26.29 -1.20 -16.78
N VAL A 269 27.07 -0.70 -15.78
CA VAL A 269 26.53 0.13 -14.69
C VAL A 269 26.85 1.62 -14.75
N PHE A 270 25.86 2.41 -14.35
CA PHE A 270 25.93 3.88 -14.30
C PHE A 270 24.98 4.37 -13.20
N THR A 271 25.48 5.24 -12.34
CA THR A 271 24.67 5.82 -11.29
C THR A 271 24.97 7.28 -11.03
N ASP A 272 24.11 7.80 -10.20
CA ASP A 272 24.02 9.13 -9.70
C ASP A 272 24.62 9.05 -8.29
N GLN A 273 24.53 7.80 -7.78
CA GLN A 273 24.94 7.46 -6.44
C GLN A 273 26.46 7.35 -6.28
N PRO A 274 26.88 7.40 -4.99
CA PRO A 274 28.25 7.35 -4.50
C PRO A 274 28.73 5.95 -4.19
N SER A 275 27.82 4.95 -4.19
CA SER A 275 28.22 3.57 -3.89
C SER A 275 27.34 2.47 -4.51
N ILE A 276 27.94 1.27 -4.57
CA ILE A 276 27.30 0.10 -5.07
C ILE A 276 27.57 -1.07 -4.14
N VAL A 277 26.53 -1.48 -3.46
CA VAL A 277 26.61 -2.60 -2.58
C VAL A 277 26.47 -3.85 -3.45
N ILE A 278 27.48 -4.70 -3.31
CA ILE A 278 27.60 -5.94 -4.05
C ILE A 278 27.38 -7.21 -3.24
N PHE A 279 26.22 -7.79 -3.45
CA PHE A 279 25.89 -8.98 -2.72
C PHE A 279 25.78 -10.13 -3.70
N THR A 280 26.61 -11.17 -3.44
CA THR A 280 26.75 -12.37 -4.26
C THR A 280 26.04 -13.58 -3.66
N ALA A 281 24.75 -13.44 -3.46
CA ALA A 281 23.88 -14.46 -2.96
C ALA A 281 24.56 -15.59 -2.22
N ASN A 282 25.12 -15.26 -1.08
CA ASN A 282 25.77 -16.28 -0.27
C ASN A 282 24.71 -17.03 0.58
N PHE A 283 23.78 -17.71 -0.09
CA PHE A 283 22.67 -18.45 0.54
C PHE A 283 23.02 -19.89 0.96
N GLY A 284 24.21 -20.39 0.52
CA GLY A 284 24.68 -21.74 0.80
C GLY A 284 23.75 -22.84 0.32
N ASP A 285 23.15 -23.58 1.25
CA ASP A 285 22.24 -24.66 0.91
C ASP A 285 20.80 -24.23 0.87
N LEU A 286 20.53 -22.92 1.02
CA LEU A 286 19.16 -22.39 0.96
C LEU A 286 18.47 -22.95 -0.26
N GLY A 287 19.15 -22.76 -1.38
CA GLY A 287 18.68 -23.25 -2.66
C GLY A 287 17.32 -22.76 -3.14
N THR A 288 16.95 -21.49 -2.89
CA THR A 288 15.66 -20.95 -3.40
C THR A 288 15.42 -21.38 -4.87
N LEU A 289 14.18 -21.77 -5.22
CA LEU A 289 13.90 -22.15 -6.61
C LEU A 289 13.49 -20.93 -7.42
N TYR A 290 14.08 -20.85 -8.59
CA TYR A 290 13.79 -19.80 -9.53
C TYR A 290 13.53 -20.52 -10.83
N HIS A 291 12.27 -20.63 -11.17
CA HIS A 291 11.99 -21.37 -12.38
C HIS A 291 12.33 -22.87 -12.24
N GLU A 292 11.87 -23.47 -11.14
CA GLU A 292 12.10 -24.87 -10.90
C GLU A 292 13.59 -25.24 -10.86
N LYS A 293 14.43 -24.23 -10.73
CA LYS A 293 15.83 -24.49 -10.66
C LYS A 293 16.53 -23.98 -9.40
N LYS A 294 16.78 -24.90 -8.45
CA LYS A 294 17.45 -24.57 -7.19
C LYS A 294 18.65 -23.69 -7.39
N GLN A 295 18.64 -22.56 -6.70
CA GLN A 295 19.75 -21.64 -6.78
C GLN A 295 20.96 -22.22 -6.08
N VAL A 296 22.14 -21.93 -6.60
CA VAL A 296 23.34 -22.39 -5.91
C VAL A 296 23.98 -21.24 -5.16
N HIS A 297 24.80 -21.66 -4.18
CA HIS A 297 25.55 -20.70 -3.44
C HIS A 297 26.11 -19.80 -4.52
N HIS A 298 26.18 -18.51 -4.29
CA HIS A 298 26.67 -17.68 -5.39
C HIS A 298 25.87 -17.90 -6.67
N GLY A 299 24.58 -17.91 -6.50
CA GLY A 299 23.71 -18.12 -7.61
C GLY A 299 23.50 -16.83 -8.41
N GLY A 300 23.94 -15.68 -7.90
CA GLY A 300 23.76 -14.39 -8.61
C GLY A 300 24.46 -13.23 -7.91
N ILE A 301 24.31 -11.99 -8.43
CA ILE A 301 24.97 -10.81 -7.85
C ILE A 301 24.16 -9.53 -7.99
N THR A 302 24.19 -8.72 -6.98
CA THR A 302 23.55 -7.43 -7.07
C THR A 302 24.56 -6.32 -7.31
N PHE A 303 24.03 -5.17 -7.58
CA PHE A 303 24.75 -3.94 -7.76
C PHE A 303 23.85 -2.82 -7.20
N GLU A 304 23.58 -2.87 -5.90
CA GLU A 304 22.70 -1.86 -5.34
C GLU A 304 23.34 -0.51 -5.26
N CYS A 305 22.87 0.38 -6.13
CA CYS A 305 23.39 1.74 -6.20
C CYS A 305 22.65 2.67 -5.26
N GLN A 306 23.40 3.29 -4.32
CA GLN A 306 22.86 4.25 -3.32
C GLN A 306 23.98 4.96 -2.61
N VAL A 307 23.64 5.45 -1.44
CA VAL A 307 24.64 6.07 -0.55
C VAL A 307 25.04 4.91 0.32
N SER A 308 26.32 4.72 0.56
CA SER A 308 26.71 3.55 1.33
C SER A 308 25.94 3.38 2.64
N PRO A 309 25.72 2.13 3.03
CA PRO A 309 25.06 1.96 4.33
C PRO A 309 26.14 2.23 5.33
N GLY A 310 25.79 2.69 6.52
CA GLY A 310 26.82 3.00 7.55
C GLY A 310 26.85 4.45 7.95
N SER A 311 26.40 5.29 7.04
CA SER A 311 26.43 6.72 7.25
C SER A 311 26.40 7.11 8.72
N GLU A 312 25.56 6.38 9.46
CA GLU A 312 25.30 6.67 10.86
C GLU A 312 26.51 6.55 11.76
N GLN A 313 27.41 5.68 11.34
CA GLN A 313 28.62 5.38 12.05
C GLN A 313 29.79 6.07 11.38
N ILE A 314 29.67 6.24 10.06
CA ILE A 314 30.73 6.84 9.29
C ILE A 314 30.24 7.92 8.36
N PRO A 315 29.96 9.06 8.95
CA PRO A 315 29.44 10.23 8.28
C PRO A 315 30.23 10.59 7.05
N GLU A 316 31.43 10.09 6.99
CA GLU A 316 32.26 10.37 5.87
C GLU A 316 31.57 9.81 4.68
N LEU A 317 30.76 8.81 4.96
CA LEU A 317 30.01 8.15 3.90
C LEU A 317 29.08 9.13 3.19
N GLY A 318 28.43 10.02 3.92
CA GLY A 318 27.55 10.95 3.25
C GLY A 318 26.36 11.19 4.14
N ASP A 319 25.40 11.95 3.65
CA ASP A 319 24.20 12.34 4.42
C ASP A 319 22.87 12.00 3.76
N ILE A 320 22.27 10.95 4.30
CA ILE A 320 21.02 10.32 3.91
C ILE A 320 19.73 11.05 4.28
N SER A 321 19.87 12.15 4.99
CA SER A 321 18.69 12.95 5.37
C SER A 321 17.89 13.49 4.19
N LEU A 322 16.64 13.80 4.47
CA LEU A 322 15.73 14.32 3.47
C LEU A 322 14.96 15.46 4.05
N LYS A 323 15.35 16.67 3.66
CA LYS A 323 14.75 17.84 4.18
C LYS A 323 13.29 17.93 3.79
N ALA A 324 12.49 18.47 4.70
CA ALA A 324 11.11 18.59 4.34
C ALA A 324 10.99 19.49 3.11
N GLY A 325 10.09 19.13 2.24
CA GLY A 325 9.91 19.95 1.06
C GLY A 325 10.94 19.75 -0.02
N GLU A 326 12.17 19.25 0.30
CA GLU A 326 13.16 19.05 -0.78
C GLU A 326 12.88 17.86 -1.69
N LYS A 327 13.14 18.06 -2.98
CA LYS A 327 12.87 16.98 -3.90
C LYS A 327 14.06 16.08 -4.17
N TYR A 328 13.98 14.90 -3.62
CA TYR A 328 14.97 13.86 -3.81
C TYR A 328 14.97 13.26 -5.23
N GLN A 329 16.15 12.92 -5.71
CA GLN A 329 16.24 12.32 -7.02
C GLN A 329 17.43 11.38 -7.18
N ALA A 330 17.21 10.26 -7.82
CA ALA A 330 18.27 9.36 -8.08
C ALA A 330 18.07 8.71 -9.42
N THR A 331 19.20 8.37 -10.06
CA THR A 331 19.17 7.70 -11.34
C THR A 331 20.26 6.62 -11.45
N THR A 332 19.85 5.42 -11.79
CA THR A 332 20.69 4.25 -11.99
C THR A 332 20.32 3.63 -13.32
N ILE A 333 21.31 3.09 -14.03
CA ILE A 333 21.12 2.53 -15.37
C ILE A 333 21.83 1.22 -15.58
N TYR A 334 21.06 0.28 -16.17
CA TYR A 334 21.52 -1.03 -16.52
C TYR A 334 21.45 -1.17 -18.01
N SER A 335 22.63 -1.09 -18.62
CA SER A 335 22.69 -1.19 -20.05
C SER A 335 23.42 -2.42 -20.50
N LEU A 336 22.61 -3.19 -21.18
CA LEU A 336 22.93 -4.44 -21.75
C LEU A 336 23.51 -4.25 -23.11
N HIS A 337 24.59 -4.97 -23.32
CA HIS A 337 25.34 -4.97 -24.56
C HIS A 337 25.56 -6.41 -25.04
N THR A 338 25.65 -6.54 -26.34
CA THR A 338 25.92 -7.82 -26.93
C THR A 338 26.86 -7.69 -28.11
N LYS A 339 28.00 -7.09 -27.79
CA LYS A 339 29.02 -6.86 -28.78
C LYS A 339 30.11 -7.94 -28.66
N SER B 2 -20.85 -15.97 -11.83
CA SER B 2 -19.87 -15.46 -12.79
C SER B 2 -18.92 -14.50 -12.06
N ILE B 3 -17.64 -14.55 -12.45
CA ILE B 3 -16.64 -13.71 -11.87
C ILE B 3 -15.83 -13.09 -12.98
N LYS B 4 -15.59 -11.78 -12.92
CA LYS B 4 -14.81 -11.15 -13.97
C LYS B 4 -13.83 -10.15 -13.41
N ILE B 5 -12.57 -10.20 -13.87
CA ILE B 5 -11.56 -9.26 -13.42
C ILE B 5 -11.12 -8.34 -14.56
N ARG B 6 -10.98 -7.07 -14.22
CA ARG B 6 -10.60 -6.08 -15.20
C ARG B 6 -9.65 -5.04 -14.59
N ASP B 7 -8.77 -4.45 -15.40
CA ASP B 7 -7.96 -3.39 -14.87
C ASP B 7 -8.96 -2.22 -14.69
N PHE B 8 -8.87 -1.56 -13.52
CA PHE B 8 -9.72 -0.45 -13.15
C PHE B 8 -9.05 0.89 -13.23
N GLY B 9 -7.74 0.88 -13.41
CA GLY B 9 -6.97 2.09 -13.55
C GLY B 9 -5.95 2.29 -12.45
N LEU B 10 -4.82 2.88 -12.86
CA LEU B 10 -3.71 3.19 -11.98
C LEU B 10 -3.12 2.01 -11.30
N GLY B 11 -3.44 0.81 -11.80
CA GLY B 11 -2.86 -0.41 -11.29
C GLY B 11 -3.85 -1.20 -10.51
N SER B 12 -5.02 -0.63 -10.35
CA SER B 12 -6.16 -1.24 -9.61
C SER B 12 -6.97 -2.17 -10.52
N ASP B 13 -7.86 -2.97 -9.89
CA ASP B 13 -8.65 -3.96 -10.56
C ASP B 13 -10.10 -3.82 -10.25
N LEU B 14 -10.88 -4.29 -11.18
CA LEU B 14 -12.32 -4.26 -10.98
C LEU B 14 -12.74 -5.71 -11.04
N ILE B 15 -13.37 -6.13 -9.93
CA ILE B 15 -13.85 -7.47 -9.78
C ILE B 15 -15.32 -7.39 -9.68
N SER B 16 -15.92 -8.01 -10.71
CA SER B 16 -17.35 -8.06 -10.88
C SER B 16 -17.95 -9.45 -10.74
N LEU B 17 -18.89 -9.51 -9.79
CA LEU B 17 -19.67 -10.70 -9.47
C LEU B 17 -21.12 -10.61 -9.94
N THR B 18 -21.59 -11.63 -10.69
CA THR B 18 -22.97 -11.72 -11.14
C THR B 18 -23.58 -12.95 -10.51
N ASN B 19 -24.78 -12.79 -9.96
CA ASN B 19 -25.46 -13.88 -9.29
C ASN B 19 -26.42 -14.61 -10.19
N LYS B 20 -27.10 -15.65 -9.70
CA LYS B 20 -28.02 -16.37 -10.59
C LYS B 20 -29.18 -15.50 -11.04
N ALA B 21 -29.47 -14.53 -10.20
CA ALA B 21 -30.57 -13.63 -10.43
C ALA B 21 -30.29 -12.54 -11.44
N GLY B 22 -28.99 -12.45 -11.84
CA GLY B 22 -28.53 -11.52 -12.84
C GLY B 22 -28.12 -10.18 -12.24
N VAL B 23 -28.13 -10.12 -10.90
CA VAL B 23 -27.71 -8.95 -10.15
C VAL B 23 -26.23 -8.89 -10.10
N THR B 24 -25.65 -7.76 -10.52
CA THR B 24 -24.20 -7.60 -10.49
C THR B 24 -23.69 -6.61 -9.44
N ILE B 25 -22.54 -6.94 -8.87
CA ILE B 25 -21.92 -6.10 -7.89
C ILE B 25 -20.45 -6.04 -8.28
N SER B 26 -19.75 -4.97 -7.96
CA SER B 26 -18.34 -4.88 -8.29
C SER B 26 -17.53 -4.14 -7.23
N PHE B 27 -16.29 -4.61 -7.04
CA PHE B 27 -15.35 -4.09 -6.08
C PHE B 27 -13.97 -3.80 -6.66
N THR B 28 -13.25 -2.97 -5.87
CA THR B 28 -11.88 -2.62 -6.16
C THR B 28 -10.88 -2.86 -5.03
N ASN B 29 -9.61 -3.19 -5.38
CA ASN B 29 -8.58 -3.45 -4.36
C ASN B 29 -8.03 -2.17 -3.82
N LEU B 30 -8.42 -1.09 -4.46
CA LEU B 30 -8.01 0.23 -4.04
C LEU B 30 -8.94 0.64 -2.95
N GLY B 31 -8.54 0.43 -1.74
CA GLY B 31 -9.45 0.85 -0.72
C GLY B 31 -10.47 -0.22 -0.37
N ALA B 32 -10.22 -1.47 -0.87
CA ALA B 32 -11.09 -2.63 -0.67
C ALA B 32 -12.46 -2.11 -0.68
N ARG B 33 -12.90 -1.56 -1.83
CA ARG B 33 -14.22 -0.95 -1.86
C ARG B 33 -15.17 -1.52 -2.88
N ILE B 34 -16.38 -1.03 -2.77
CA ILE B 34 -17.43 -1.40 -3.71
C ILE B 34 -17.57 -0.25 -4.66
N VAL B 35 -17.55 -0.61 -5.95
CA VAL B 35 -17.64 0.35 -7.02
C VAL B 35 -19.07 0.46 -7.53
N ASP B 36 -19.73 -0.70 -7.64
CA ASP B 36 -21.14 -0.70 -8.12
C ASP B 36 -21.98 -1.88 -7.69
N TRP B 37 -23.24 -1.67 -7.93
CA TRP B 37 -24.25 -2.64 -7.60
C TRP B 37 -25.49 -2.31 -8.40
N GLN B 38 -25.78 -3.13 -9.42
CA GLN B 38 -26.90 -2.88 -10.27
C GLN B 38 -27.90 -3.99 -10.29
N LYS B 39 -29.08 -3.63 -10.69
CA LYS B 39 -30.14 -4.61 -10.85
C LYS B 39 -30.95 -4.07 -12.01
N ASP B 40 -31.31 -4.85 -13.00
CA ASP B 40 -32.14 -4.30 -14.08
C ASP B 40 -31.57 -3.10 -14.83
N GLY B 41 -30.25 -2.89 -14.76
CA GLY B 41 -29.51 -1.80 -15.43
C GLY B 41 -29.57 -0.47 -14.71
N LYS B 42 -29.84 -0.55 -13.41
CA LYS B 42 -29.96 0.63 -12.59
C LYS B 42 -29.07 0.49 -11.38
N HIS B 43 -28.35 1.57 -11.07
CA HIS B 43 -27.47 1.54 -9.94
C HIS B 43 -28.23 1.69 -8.65
N LEU B 44 -27.71 1.01 -7.65
CA LEU B 44 -28.32 1.17 -6.37
C LEU B 44 -27.45 2.07 -5.46
N ILE B 45 -26.15 2.19 -5.82
CA ILE B 45 -25.22 2.98 -5.08
C ILE B 45 -24.55 4.01 -5.96
N LEU B 46 -23.65 4.77 -5.27
CA LEU B 46 -22.80 5.82 -5.82
C LEU B 46 -21.46 5.22 -6.12
N GLY B 47 -20.84 5.66 -7.21
CA GLY B 47 -19.51 5.16 -7.53
C GLY B 47 -19.03 5.71 -8.87
N PHE B 48 -17.75 5.55 -9.15
CA PHE B 48 -17.18 6.06 -10.38
C PHE B 48 -16.83 4.99 -11.36
N ASP B 49 -16.22 5.42 -12.48
CA ASP B 49 -15.90 4.45 -13.51
C ASP B 49 -14.43 4.20 -13.77
N SER B 50 -13.57 4.71 -12.89
CA SER B 50 -12.14 4.56 -12.91
C SER B 50 -11.51 4.91 -11.57
N ALA B 51 -10.35 4.35 -11.38
CA ALA B 51 -9.56 4.62 -10.16
C ALA B 51 -9.23 6.12 -10.01
N LYS B 52 -8.85 6.78 -11.13
CA LYS B 52 -8.51 8.19 -11.07
C LYS B 52 -9.62 9.08 -10.54
N GLU B 53 -10.91 8.76 -10.84
CA GLU B 53 -12.09 9.56 -10.37
C GLU B 53 -12.09 9.60 -8.85
N TYR B 54 -11.81 8.41 -8.28
CA TYR B 54 -11.77 8.24 -6.82
C TYR B 54 -10.70 9.11 -6.17
N LEU B 55 -9.48 9.07 -6.70
CA LEU B 55 -8.39 9.82 -6.19
C LEU B 55 -8.52 11.29 -6.54
N GLU B 56 -9.25 11.55 -7.59
CA GLU B 56 -9.48 12.87 -8.04
C GLU B 56 -10.68 13.58 -7.41
N LYS B 57 -11.88 12.97 -7.44
CA LYS B 57 -13.08 13.65 -6.93
C LYS B 57 -13.42 13.42 -5.47
N ASP B 58 -13.29 12.17 -5.02
CA ASP B 58 -13.66 11.83 -3.65
C ASP B 58 -13.25 10.40 -3.38
N ALA B 59 -12.29 10.17 -2.47
CA ALA B 59 -11.81 8.81 -2.25
C ALA B 59 -12.54 7.96 -1.20
N TYR B 60 -13.60 8.53 -0.62
CA TYR B 60 -14.35 7.86 0.42
C TYR B 60 -15.44 6.89 0.02
N PRO B 61 -16.17 7.24 -1.02
CA PRO B 61 -17.31 6.44 -1.41
C PRO B 61 -17.04 4.97 -1.63
N GLY B 62 -17.82 4.17 -0.89
CA GLY B 62 -17.76 2.73 -0.93
C GLY B 62 -16.47 2.12 -0.37
N ALA B 63 -15.60 2.95 0.17
CA ALA B 63 -14.38 2.41 0.65
C ALA B 63 -14.31 1.85 2.07
N THR B 64 -13.27 1.04 2.30
CA THR B 64 -13.00 0.56 3.67
C THR B 64 -12.27 1.71 4.35
N VAL B 65 -12.83 2.18 5.45
CA VAL B 65 -12.21 3.31 6.15
C VAL B 65 -11.73 2.97 7.53
N GLY B 66 -10.52 3.43 7.82
CA GLY B 66 -9.88 3.17 9.10
C GLY B 66 -8.43 3.65 9.09
N PRO B 67 -7.67 3.23 10.10
CA PRO B 67 -8.05 2.28 11.12
C PRO B 67 -9.20 2.65 12.01
N THR B 68 -9.55 3.94 12.07
CA THR B 68 -10.65 4.40 12.89
C THR B 68 -11.64 5.27 12.14
N ALA B 69 -12.82 4.73 11.97
CA ALA B 69 -13.89 5.41 11.28
C ALA B 69 -14.53 6.58 12.09
N GLY B 70 -14.56 7.74 11.48
CA GLY B 70 -15.14 8.90 12.14
C GLY B 70 -14.08 9.95 12.50
N ARG B 71 -14.47 10.90 13.37
CA ARG B 71 -13.49 11.93 13.75
C ARG B 71 -13.05 11.80 15.20
N ILE B 72 -11.75 11.86 15.43
CA ILE B 72 -11.25 11.78 16.82
C ILE B 72 -10.83 13.19 17.22
N LYS B 73 -11.52 13.74 18.25
CA LYS B 73 -11.19 15.09 18.69
C LYS B 73 -9.72 15.21 18.91
N ASP B 74 -9.13 16.24 18.30
CA ASP B 74 -7.70 16.49 18.44
C ASP B 74 -6.80 15.31 18.15
N GLY B 75 -7.29 14.33 17.43
CA GLY B 75 -6.47 13.17 17.06
C GLY B 75 -5.97 12.40 18.27
N LEU B 76 -6.63 12.64 19.38
CA LEU B 76 -6.20 12.00 20.61
C LEU B 76 -6.87 10.73 21.06
N VAL B 77 -6.05 9.72 21.27
CA VAL B 77 -6.56 8.48 21.75
C VAL B 77 -5.59 8.08 22.91
N LYS B 78 -6.07 7.40 23.91
CA LYS B 78 -5.18 7.05 25.02
C LYS B 78 -4.96 5.53 25.00
N ILE B 79 -3.72 5.10 24.85
CA ILE B 79 -3.50 3.68 24.77
C ILE B 79 -2.69 3.13 25.91
N SER B 80 -3.28 2.12 26.49
CA SER B 80 -2.66 1.42 27.60
C SER B 80 -2.07 2.33 28.67
N GLY B 81 -2.59 3.57 28.84
CA GLY B 81 -2.04 4.47 29.86
C GLY B 81 -1.47 5.78 29.32
N LYS B 82 -0.79 5.67 28.21
CA LYS B 82 -0.23 6.81 27.55
C LYS B 82 -1.22 7.44 26.62
N ASP B 83 -0.92 8.66 26.26
CA ASP B 83 -1.74 9.36 25.30
C ASP B 83 -0.98 9.36 23.99
N TYR B 84 -1.70 9.19 22.85
CA TYR B 84 -1.13 9.21 21.51
C TYR B 84 -1.86 10.19 20.61
N ILE B 85 -1.07 10.86 19.79
CA ILE B 85 -1.64 11.80 18.86
C ILE B 85 -1.57 11.17 17.47
N LEU B 86 -2.73 11.05 16.79
CA LEU B 86 -2.85 10.48 15.44
C LEU B 86 -2.83 11.58 14.37
N ASN B 87 -2.69 11.14 13.12
CA ASN B 87 -2.63 12.06 12.02
C ASN B 87 -3.74 13.05 12.07
N GLN B 88 -3.41 14.35 12.02
CA GLN B 88 -4.46 15.39 12.03
C GLN B 88 -4.72 15.75 10.62
N ASN B 89 -5.89 15.23 10.17
CA ASN B 89 -6.46 15.24 8.84
C ASN B 89 -7.45 16.36 8.60
N GLU B 90 -8.18 16.74 9.62
CA GLU B 90 -9.20 17.77 9.44
C GLU B 90 -9.09 18.78 10.55
N GLY B 91 -8.28 19.80 10.31
CA GLY B 91 -8.01 20.78 11.35
C GLY B 91 -7.25 19.95 12.36
N PRO B 92 -7.51 20.16 13.62
CA PRO B 92 -6.83 19.44 14.66
C PRO B 92 -7.39 18.06 14.81
N GLN B 93 -8.29 17.69 13.89
CA GLN B 93 -8.94 16.37 13.91
C GLN B 93 -8.25 15.26 13.10
N THR B 94 -8.71 14.09 13.40
CA THR B 94 -8.28 12.84 12.82
C THR B 94 -9.54 12.18 12.31
N LEU B 95 -9.75 12.46 11.05
CA LEU B 95 -10.91 11.99 10.31
C LEU B 95 -10.55 10.79 9.49
N HIS B 96 -11.27 9.71 9.73
CA HIS B 96 -11.08 8.50 8.94
C HIS B 96 -9.67 7.87 8.86
N GLY B 97 -8.89 7.88 9.95
CA GLY B 97 -7.58 7.21 9.86
C GLY B 97 -6.43 8.15 9.51
N GLY B 98 -6.75 9.40 9.26
CA GLY B 98 -5.74 10.37 8.92
C GLY B 98 -5.56 10.49 7.41
N GLU B 99 -4.56 11.22 7.00
CA GLU B 99 -4.35 11.45 5.59
C GLU B 99 -3.81 10.25 4.84
N GLU B 100 -4.20 10.15 3.59
CA GLU B 100 -3.72 9.05 2.77
C GLU B 100 -3.72 7.72 3.46
N SER B 101 -4.83 7.40 4.07
CA SER B 101 -5.04 6.17 4.80
C SER B 101 -5.39 4.97 3.94
N ILE B 102 -5.96 3.96 4.60
CA ILE B 102 -6.28 2.68 4.02
C ILE B 102 -7.20 2.71 2.83
N HIS B 103 -8.03 3.73 2.71
CA HIS B 103 -8.88 3.79 1.54
C HIS B 103 -8.16 4.24 0.27
N THR B 104 -6.92 4.74 0.48
CA THR B 104 -6.03 5.25 -0.59
C THR B 104 -5.03 4.25 -1.13
N LYS B 105 -5.05 3.07 -0.53
CA LYS B 105 -4.08 2.01 -0.82
C LYS B 105 -4.59 0.88 -1.68
N LEU B 106 -3.70 0.29 -2.43
CA LEU B 106 -4.07 -0.87 -3.22
C LEU B 106 -3.85 -2.10 -2.36
N TRP B 107 -4.91 -2.78 -1.97
CA TRP B 107 -4.81 -4.00 -1.16
C TRP B 107 -4.55 -5.18 -2.08
N THR B 108 -4.01 -6.26 -1.57
CA THR B 108 -3.89 -7.45 -2.37
C THR B 108 -5.23 -8.23 -2.30
N TYR B 109 -5.49 -9.20 -3.14
CA TYR B 109 -6.71 -9.95 -2.95
C TYR B 109 -6.69 -11.32 -3.56
N GLU B 110 -7.51 -12.14 -2.99
CA GLU B 110 -7.68 -13.53 -3.39
C GLU B 110 -9.16 -13.77 -3.46
N VAL B 111 -9.56 -14.34 -4.59
CA VAL B 111 -10.96 -14.60 -4.83
C VAL B 111 -11.33 -16.04 -4.47
N THR B 112 -12.41 -16.24 -3.76
CA THR B 112 -12.81 -17.61 -3.45
C THR B 112 -14.16 -17.87 -4.08
N ASP B 113 -14.24 -18.81 -5.02
CA ASP B 113 -15.54 -19.07 -5.65
C ASP B 113 -16.25 -20.28 -5.07
N LEU B 114 -17.36 -20.05 -4.36
CA LEU B 114 -18.15 -21.08 -3.73
C LEU B 114 -19.44 -21.39 -4.43
N GLY B 115 -19.51 -20.92 -5.66
CA GLY B 115 -20.62 -21.10 -6.55
C GLY B 115 -21.68 -20.09 -6.35
N ALA B 116 -22.51 -20.43 -5.39
CA ALA B 116 -23.61 -19.58 -4.98
C ALA B 116 -23.06 -18.39 -4.20
N GLU B 117 -21.78 -18.45 -3.95
CA GLU B 117 -21.14 -17.42 -3.21
C GLU B 117 -19.73 -17.18 -3.75
N VAL B 118 -19.42 -15.88 -3.92
CA VAL B 118 -18.07 -15.52 -4.38
C VAL B 118 -17.45 -14.56 -3.38
N GLN B 119 -16.40 -15.00 -2.67
CA GLN B 119 -15.72 -14.13 -1.71
C GLN B 119 -14.44 -13.43 -2.25
N VAL B 120 -14.33 -12.17 -1.92
CA VAL B 120 -13.13 -11.48 -2.32
C VAL B 120 -12.42 -10.90 -1.10
N LYS B 121 -11.39 -11.65 -0.68
CA LYS B 121 -10.60 -11.27 0.51
C LYS B 121 -9.48 -10.32 0.20
N PHE B 122 -9.59 -9.10 0.71
CA PHE B 122 -8.65 -8.02 0.58
C PHE B 122 -7.76 -7.95 1.82
N SER B 123 -6.46 -7.85 1.59
CA SER B 123 -5.44 -7.79 2.66
C SER B 123 -4.53 -6.58 2.65
N LEU B 124 -4.09 -6.17 3.85
CA LEU B 124 -3.20 -5.01 3.99
C LEU B 124 -2.63 -4.99 5.37
N VAL B 125 -1.36 -4.59 5.41
CA VAL B 125 -0.61 -4.45 6.67
C VAL B 125 -0.47 -3.01 7.00
N SER B 126 -0.95 -2.65 8.16
CA SER B 126 -0.80 -1.32 8.68
C SER B 126 0.54 -1.43 9.42
N ASN B 127 1.57 -0.68 8.99
CA ASN B 127 2.91 -0.80 9.60
C ASN B 127 2.88 -0.15 10.98
N ASP B 128 3.68 -0.64 11.91
CA ASP B 128 3.70 0.01 13.19
C ASP B 128 4.01 1.50 12.99
N GLY B 129 3.29 2.41 13.65
CA GLY B 129 3.58 3.85 13.55
C GLY B 129 2.83 4.65 12.44
N THR B 130 2.15 3.93 11.54
CA THR B 130 1.39 4.51 10.43
C THR B 130 0.32 5.48 10.85
N ASN B 131 0.54 6.76 10.52
CA ASN B 131 -0.40 7.82 10.85
C ASN B 131 -0.58 7.93 12.36
N GLY B 132 0.45 7.43 13.06
CA GLY B 132 0.54 7.46 14.49
C GLY B 132 -0.11 6.30 15.19
N TYR B 133 -0.46 5.27 14.42
CA TYR B 133 -1.13 4.16 15.07
C TYR B 133 -0.14 3.13 15.54
N PRO B 134 -0.06 2.85 16.84
CA PRO B 134 0.88 1.79 17.22
C PRO B 134 0.60 0.49 16.43
N GLY B 135 1.55 -0.43 16.16
CA GLY B 135 1.18 -1.60 15.32
C GLY B 135 2.24 -2.75 15.26
N LYS B 136 2.41 -3.56 14.26
CA LYS B 136 1.82 -3.81 12.98
C LYS B 136 0.39 -4.28 13.04
N ILE B 137 -0.48 -3.67 12.22
CA ILE B 137 -1.83 -4.12 12.08
C ILE B 137 -2.03 -4.84 10.74
N GLU B 138 -2.38 -6.10 10.87
CA GLU B 138 -2.68 -7.00 9.78
C GLU B 138 -4.20 -7.09 9.61
N MET B 139 -4.66 -6.56 8.49
CA MET B 139 -6.07 -6.53 8.22
C MET B 139 -6.44 -7.22 6.91
N SER B 140 -7.69 -7.67 6.90
CA SER B 140 -8.34 -8.32 5.78
C SER B 140 -9.81 -7.91 5.83
N VAL B 141 -10.31 -7.57 4.68
CA VAL B 141 -11.68 -7.19 4.56
C VAL B 141 -12.24 -8.04 3.45
N THR B 142 -13.29 -8.82 3.78
CA THR B 142 -13.95 -9.73 2.84
C THR B 142 -15.30 -9.26 2.46
N HIS B 143 -15.47 -9.21 1.15
CA HIS B 143 -16.66 -8.78 0.51
C HIS B 143 -17.23 -9.97 -0.24
N SER B 144 -18.46 -10.32 0.08
CA SER B 144 -19.06 -11.46 -0.61
C SER B 144 -20.42 -11.15 -1.22
N PHE B 145 -20.84 -11.99 -2.20
CA PHE B 145 -22.12 -11.80 -2.85
C PHE B 145 -22.74 -13.13 -3.22
N ASP B 146 -23.94 -13.30 -2.65
CA ASP B 146 -24.86 -14.43 -2.69
C ASP B 146 -25.85 -14.54 -3.85
N ASP B 147 -26.38 -15.74 -3.93
CA ASP B 147 -27.42 -16.05 -4.88
C ASP B 147 -28.72 -15.49 -4.31
N ASP B 148 -28.76 -15.24 -3.00
CA ASP B 148 -29.93 -14.60 -2.49
C ASP B 148 -29.73 -13.12 -2.20
N ASN B 149 -28.93 -12.49 -3.04
CA ASN B 149 -28.61 -11.06 -2.99
C ASN B 149 -28.05 -10.52 -1.72
N LYS B 150 -27.17 -11.28 -1.06
CA LYS B 150 -26.58 -10.80 0.18
C LYS B 150 -25.15 -10.30 0.09
N TRP B 151 -24.94 -8.98 0.29
CA TRP B 151 -23.58 -8.45 0.26
C TRP B 151 -23.04 -8.31 1.69
N LYS B 152 -21.93 -8.97 1.93
CA LYS B 152 -21.38 -8.97 3.23
C LYS B 152 -19.91 -8.58 3.25
N ILE B 153 -19.60 -7.85 4.34
CA ILE B 153 -18.29 -7.35 4.68
C ILE B 153 -17.87 -7.97 6.02
N HIS B 154 -16.85 -8.81 5.95
CA HIS B 154 -16.31 -9.43 7.13
C HIS B 154 -14.96 -8.82 7.37
N TYR B 155 -14.70 -8.24 8.53
CA TYR B 155 -13.42 -7.63 8.76
C TYR B 155 -12.64 -8.45 9.74
N GLU B 156 -11.35 -8.35 9.67
CA GLU B 156 -10.48 -9.07 10.59
C GLU B 156 -9.19 -8.29 10.89
N ALA B 157 -8.70 -8.39 12.09
CA ALA B 157 -7.46 -7.70 12.29
C ALA B 157 -6.74 -8.27 13.53
N ILE B 158 -5.41 -8.12 13.57
CA ILE B 158 -4.49 -8.55 14.66
C ILE B 158 -3.24 -7.66 14.61
N SER B 159 -2.93 -7.04 15.76
CA SER B 159 -1.85 -6.11 16.05
C SER B 159 -0.80 -6.69 17.01
N ASP B 160 0.44 -6.26 16.73
CA ASP B 160 1.67 -6.65 17.41
C ASP B 160 1.80 -5.91 18.74
N LYS B 161 1.05 -4.81 18.81
CA LYS B 161 1.00 -3.93 19.92
C LYS B 161 -0.41 -3.54 20.26
N ASP B 162 -0.58 -3.00 21.45
CA ASP B 162 -1.86 -2.50 21.88
C ASP B 162 -2.18 -1.30 21.05
N THR B 163 -3.39 -1.24 20.48
CA THR B 163 -3.77 -0.14 19.59
C THR B 163 -5.25 0.17 19.69
N VAL B 164 -5.77 0.83 18.67
CA VAL B 164 -7.21 1.07 18.61
C VAL B 164 -7.63 0.65 17.22
N PHE B 165 -8.85 0.14 17.04
CA PHE B 165 -9.31 -0.32 15.70
C PHE B 165 -10.84 -0.23 15.57
N ASN B 166 -11.30 0.42 14.52
CA ASN B 166 -12.72 0.59 14.35
C ASN B 166 -13.09 1.17 13.00
N PRO B 167 -12.88 0.33 12.04
CA PRO B 167 -13.17 0.66 10.65
C PRO B 167 -14.67 0.54 10.36
N THR B 168 -14.99 0.94 9.12
CA THR B 168 -16.32 0.94 8.62
C THR B 168 -16.34 0.80 7.08
N GLY B 169 -17.53 0.72 6.51
CA GLY B 169 -17.67 0.62 5.04
C GLY B 169 -18.40 1.88 4.60
N HIS B 170 -17.77 2.70 3.73
CA HIS B 170 -18.40 3.97 3.38
C HIS B 170 -19.31 3.92 2.15
N VAL B 171 -20.08 2.88 2.03
CA VAL B 171 -20.92 2.90 0.86
C VAL B 171 -21.97 4.03 0.94
N TYR B 172 -22.41 4.53 -0.22
CA TYR B 172 -23.52 5.52 -0.29
C TYR B 172 -24.60 4.86 -1.20
N PHE B 173 -25.84 4.86 -0.81
CA PHE B 173 -26.86 4.31 -1.65
C PHE B 173 -27.55 5.43 -2.31
N ASN B 174 -28.18 5.13 -3.42
CA ASN B 174 -29.02 6.06 -4.15
C ASN B 174 -29.93 5.26 -5.01
N LEU B 175 -31.06 4.83 -4.43
CA LEU B 175 -32.01 4.03 -5.12
C LEU B 175 -32.57 4.63 -6.44
N ASN B 176 -32.27 5.90 -6.69
CA ASN B 176 -32.73 6.52 -7.91
C ASN B 176 -31.84 6.14 -9.08
N GLY B 177 -30.65 5.64 -8.78
CA GLY B 177 -29.71 5.30 -9.81
C GLY B 177 -29.17 6.54 -10.57
N ASP B 178 -29.40 7.72 -10.01
CA ASP B 178 -28.99 9.01 -10.56
C ASP B 178 -28.56 9.99 -9.45
N ALA B 179 -27.28 10.48 -9.49
CA ALA B 179 -26.77 11.39 -8.46
C ALA B 179 -27.54 12.71 -8.39
N SER B 180 -28.09 13.12 -9.53
CA SER B 180 -28.89 14.32 -9.63
C SER B 180 -30.24 14.19 -8.93
N GLU B 181 -30.58 13.00 -8.50
CA GLU B 181 -31.86 12.91 -7.83
C GLU B 181 -31.68 12.69 -6.36
N SER B 182 -32.16 13.62 -5.58
CA SER B 182 -32.10 13.50 -4.12
C SER B 182 -32.80 12.24 -3.53
N VAL B 183 -32.21 11.72 -2.47
CA VAL B 183 -32.63 10.55 -1.74
C VAL B 183 -33.81 10.85 -0.83
N GLU B 184 -34.23 12.10 -0.91
CA GLU B 184 -35.43 12.59 -0.19
C GLU B 184 -36.62 11.65 -0.32
N ASN B 185 -36.75 11.06 -1.52
CA ASN B 185 -37.83 10.15 -1.90
C ASN B 185 -37.77 8.73 -1.36
N HIS B 186 -36.72 8.43 -0.58
CA HIS B 186 -36.53 7.11 0.00
C HIS B 186 -37.23 7.01 1.33
N GLY B 187 -37.64 5.78 1.59
CA GLY B 187 -38.25 5.51 2.85
C GLY B 187 -37.17 4.97 3.76
N LEU B 188 -37.15 5.43 5.01
CA LEU B 188 -36.19 4.84 5.93
C LEU B 188 -36.84 4.32 7.22
N ARG B 189 -36.29 3.19 7.69
CA ARG B 189 -36.68 2.54 8.92
C ARG B 189 -35.38 2.22 9.68
N LEU B 190 -35.25 2.74 10.89
CA LEU B 190 -34.02 2.60 11.67
C LEU B 190 -34.30 2.23 13.15
N ALA B 191 -33.76 1.09 13.61
CA ALA B 191 -33.97 0.64 14.98
C ALA B 191 -33.08 1.35 16.00
N ALA B 192 -33.18 2.68 16.05
CA ALA B 192 -32.36 3.48 16.95
C ALA B 192 -33.19 4.51 17.73
N SER B 193 -33.03 4.53 19.09
CA SER B 193 -33.80 5.41 19.98
C SER B 193 -33.06 6.67 20.42
N ARG B 194 -31.76 6.55 20.37
CA ARG B 194 -30.88 7.61 20.72
C ARG B 194 -29.97 7.96 19.55
N PHE B 195 -29.28 9.10 19.70
CA PHE B 195 -28.35 9.67 18.73
C PHE B 195 -27.36 10.64 19.40
N VAL B 196 -26.13 10.71 18.90
CA VAL B 196 -25.07 11.53 19.51
C VAL B 196 -24.94 12.84 18.75
N PRO B 197 -25.23 13.96 19.43
CA PRO B 197 -25.18 15.28 18.77
C PRO B 197 -23.76 15.84 18.61
N LEU B 198 -23.59 16.60 17.54
CA LEU B 198 -22.35 17.24 17.17
C LEU B 198 -22.30 18.57 17.84
N LYS B 199 -21.16 19.13 18.03
CA LYS B 199 -21.22 20.38 18.73
C LYS B 199 -21.09 21.65 17.88
N ASP B 200 -20.47 21.52 16.74
CA ASP B 200 -20.30 22.65 15.86
C ASP B 200 -20.06 22.14 14.48
N GLN B 201 -19.76 23.09 13.61
CA GLN B 201 -19.45 22.86 12.21
C GLN B 201 -18.13 22.14 12.12
N THR B 202 -17.59 21.88 13.28
CA THR B 202 -16.38 21.17 13.57
C THR B 202 -16.73 19.69 13.44
N GLU B 203 -18.01 19.42 13.72
CA GLU B 203 -18.61 18.09 13.62
C GLU B 203 -18.04 17.14 14.67
N ILE B 204 -17.35 17.71 15.70
CA ILE B 204 -16.83 16.89 16.79
C ILE B 204 -18.05 16.57 17.63
N VAL B 205 -17.90 15.63 18.55
CA VAL B 205 -18.99 15.14 19.34
C VAL B 205 -19.31 16.01 20.51
N ARG B 206 -20.51 15.93 21.07
CA ARG B 206 -20.72 16.83 22.15
C ARG B 206 -20.54 16.27 23.56
N GLY B 207 -20.95 15.05 23.82
CA GLY B 207 -20.80 14.51 25.15
C GLY B 207 -22.15 14.11 25.70
N ASP B 208 -23.10 14.41 24.85
CA ASP B 208 -24.48 14.20 25.02
C ASP B 208 -25.02 13.01 24.25
N ILE B 209 -25.86 12.22 24.91
CA ILE B 209 -26.65 11.19 24.24
C ILE B 209 -28.09 11.70 24.25
N VAL B 210 -28.80 11.54 23.11
CA VAL B 210 -30.14 12.10 23.04
C VAL B 210 -31.28 11.19 22.67
N ASP B 211 -32.41 11.36 23.37
CA ASP B 211 -33.61 10.59 23.14
C ASP B 211 -34.34 11.18 21.93
N ILE B 212 -34.40 10.46 20.79
CA ILE B 212 -34.99 11.06 19.62
C ILE B 212 -36.47 10.92 19.41
N LYS B 213 -37.19 10.54 20.48
CA LYS B 213 -38.64 10.47 20.44
C LYS B 213 -39.04 11.92 20.47
N ASN B 214 -40.06 12.30 19.72
CA ASN B 214 -40.47 13.70 19.69
C ASN B 214 -39.58 14.52 18.75
N THR B 215 -38.87 13.79 17.87
CA THR B 215 -37.96 14.44 16.96
C THR B 215 -38.13 13.90 15.54
N ASP B 216 -37.71 14.68 14.57
CA ASP B 216 -37.84 14.29 13.17
C ASP B 216 -36.83 13.23 12.84
N LEU B 217 -35.90 13.03 13.76
CA LEU B 217 -34.86 12.06 13.58
C LEU B 217 -35.33 10.68 14.00
N ASP B 218 -36.57 10.59 14.41
CA ASP B 218 -37.13 9.35 14.89
C ASP B 218 -37.55 8.47 13.72
N PHE B 219 -36.76 7.44 13.42
CA PHE B 219 -37.08 6.54 12.32
C PHE B 219 -37.56 5.14 12.63
N ARG B 220 -37.87 4.89 13.89
CA ARG B 220 -38.40 3.59 14.30
C ARG B 220 -39.53 3.10 13.36
N GLN B 221 -40.54 3.97 13.15
CA GLN B 221 -41.63 3.74 12.25
C GLN B 221 -41.23 4.35 10.91
N GLU B 222 -41.26 3.55 9.87
CA GLU B 222 -40.91 4.01 8.53
C GLU B 222 -41.44 5.37 8.11
N LYS B 223 -40.55 6.19 7.60
CA LYS B 223 -40.94 7.51 7.15
C LYS B 223 -40.11 8.01 6.00
N GLN B 224 -40.63 9.01 5.29
CA GLN B 224 -39.91 9.51 4.14
C GLN B 224 -38.67 10.35 4.54
N LEU B 225 -37.57 10.27 3.80
CA LEU B 225 -36.36 11.03 4.17
C LEU B 225 -36.59 12.52 4.27
N SER B 226 -37.44 13.05 3.39
CA SER B 226 -37.75 14.47 3.39
C SER B 226 -38.29 14.93 4.74
N ASN B 227 -38.86 14.03 5.53
CA ASN B 227 -39.30 14.51 6.84
C ASN B 227 -38.13 15.04 7.64
N ALA B 228 -36.98 14.37 7.52
CA ALA B 228 -35.84 14.84 8.24
C ALA B 228 -35.19 16.00 7.53
N PHE B 229 -35.04 15.92 6.25
CA PHE B 229 -34.36 17.01 5.58
C PHE B 229 -34.99 18.36 5.81
N ASN B 230 -36.30 18.32 5.97
CA ASN B 230 -37.12 19.50 6.12
C ASN B 230 -37.15 20.00 7.51
N SER B 231 -36.84 19.13 8.45
CA SER B 231 -36.85 19.54 9.82
C SER B 231 -36.08 20.84 10.06
N ASN B 232 -36.43 21.53 11.17
CA ASN B 232 -35.77 22.75 11.64
C ASN B 232 -35.15 22.51 13.02
N MET B 233 -34.83 21.21 13.21
CA MET B 233 -34.14 20.66 14.37
C MET B 233 -32.71 21.24 14.37
N GLU B 234 -32.32 21.80 15.53
CA GLU B 234 -30.98 22.38 15.69
C GLU B 234 -29.88 21.64 14.93
N GLN B 235 -29.82 20.34 15.19
CA GLN B 235 -28.82 19.47 14.63
C GLN B 235 -28.88 19.40 13.11
N VAL B 236 -30.08 19.05 12.65
CA VAL B 236 -30.40 18.93 11.25
C VAL B 236 -29.92 20.17 10.53
N GLN B 237 -30.31 21.32 11.11
CA GLN B 237 -29.91 22.62 10.61
C GLN B 237 -28.40 22.76 10.69
N LEU B 238 -27.86 22.23 11.73
CA LEU B 238 -26.46 22.37 11.85
C LEU B 238 -25.74 21.71 10.65
N VAL B 239 -25.98 20.43 10.49
CA VAL B 239 -25.38 19.61 9.46
C VAL B 239 -25.97 19.86 8.07
N LYS B 240 -27.17 20.46 7.99
CA LYS B 240 -27.75 20.64 6.67
C LYS B 240 -28.17 19.29 6.11
N GLY B 241 -28.66 18.49 7.03
CA GLY B 241 -29.18 17.17 6.75
C GLY B 241 -28.77 16.33 7.92
N ILE B 242 -28.44 15.07 7.65
CA ILE B 242 -28.02 14.10 8.65
C ILE B 242 -26.54 13.78 8.59
N ASP B 243 -25.90 13.76 9.73
CA ASP B 243 -24.49 13.47 9.81
C ASP B 243 -24.15 13.01 11.21
N HIS B 244 -24.92 12.04 11.68
CA HIS B 244 -24.82 11.58 13.02
C HIS B 244 -24.80 10.09 13.17
N PRO B 245 -24.22 9.68 14.27
CA PRO B 245 -24.22 8.31 14.66
C PRO B 245 -25.53 8.14 15.39
N PHE B 246 -26.15 7.00 15.11
CA PHE B 246 -27.41 6.62 15.71
C PHE B 246 -27.16 5.36 16.45
N LEU B 247 -27.50 5.38 17.75
CA LEU B 247 -27.33 4.19 18.59
C LEU B 247 -28.47 3.19 18.53
N LEU B 248 -28.16 2.04 17.87
CA LEU B 248 -29.11 0.94 17.71
C LEU B 248 -29.61 0.46 19.07
N ASP B 249 -30.89 0.11 19.18
CA ASP B 249 -31.39 -0.36 20.48
C ASP B 249 -31.01 -1.79 20.78
N GLN B 250 -31.39 -2.72 19.94
CA GLN B 250 -30.96 -4.05 20.22
C GLN B 250 -29.75 -4.37 19.36
N LEU B 251 -28.85 -5.18 19.91
CA LEU B 251 -27.63 -5.59 19.23
C LEU B 251 -27.73 -7.01 18.73
N GLY B 252 -26.97 -7.35 17.70
CA GLY B 252 -27.03 -8.70 17.16
C GLY B 252 -27.15 -8.75 15.62
N LEU B 253 -26.47 -9.70 15.09
CA LEU B 253 -26.39 -9.91 13.66
C LEU B 253 -27.67 -10.42 13.02
N ASP B 254 -28.58 -10.88 13.87
CA ASP B 254 -29.87 -11.45 13.47
C ASP B 254 -30.91 -10.43 13.01
N LYS B 255 -30.86 -9.29 13.62
CA LYS B 255 -31.79 -8.23 13.40
C LYS B 255 -31.57 -7.30 12.22
N GLU B 256 -32.67 -6.88 11.62
CA GLU B 256 -32.63 -5.92 10.56
C GLU B 256 -32.63 -4.61 11.33
N GLN B 257 -31.57 -3.84 11.23
CA GLN B 257 -31.52 -2.62 11.96
C GLN B 257 -31.91 -1.42 11.14
N ALA B 258 -31.79 -1.56 9.83
CA ALA B 258 -32.14 -0.45 8.93
C ALA B 258 -32.66 -0.96 7.60
N ARG B 259 -33.71 -0.29 7.09
CA ARG B 259 -34.30 -0.63 5.81
C ARG B 259 -34.53 0.63 5.03
N LEU B 260 -33.92 0.67 3.82
CA LEU B 260 -34.00 1.81 2.90
C LEU B 260 -34.78 1.38 1.66
N THR B 261 -35.90 2.06 1.37
CA THR B 261 -36.78 1.67 0.26
C THR B 261 -37.19 2.73 -0.77
N LEU B 262 -37.24 2.27 -2.01
CA LEU B 262 -37.70 3.06 -3.15
C LEU B 262 -38.42 2.12 -4.06
N ASP B 263 -39.70 2.36 -4.19
CA ASP B 263 -40.55 1.51 -5.02
C ASP B 263 -40.51 0.00 -4.70
N ASP B 264 -40.22 -0.86 -5.67
CA ASP B 264 -40.19 -2.33 -5.41
C ASP B 264 -38.87 -2.87 -4.88
N THR B 265 -37.92 -1.95 -4.77
CA THR B 265 -36.59 -2.24 -4.32
C THR B 265 -36.28 -1.80 -2.94
N SER B 266 -35.71 -2.70 -2.15
CA SER B 266 -35.32 -2.33 -0.82
C SER B 266 -34.06 -3.02 -0.29
N ILE B 267 -33.24 -2.24 0.43
CA ILE B 267 -31.98 -2.64 1.10
C ILE B 267 -32.18 -2.69 2.61
N SER B 268 -31.85 -3.85 3.16
CA SER B 268 -31.92 -4.17 4.59
C SER B 268 -30.48 -4.26 5.12
N VAL B 269 -30.29 -3.78 6.35
CA VAL B 269 -28.94 -3.71 6.92
C VAL B 269 -28.75 -4.46 8.23
N PHE B 270 -27.82 -5.38 8.22
CA PHE B 270 -27.51 -6.17 9.38
C PHE B 270 -26.05 -5.94 9.80
N THR B 271 -25.83 -6.01 11.09
CA THR B 271 -24.44 -5.78 11.50
C THR B 271 -24.26 -6.35 12.88
N ASP B 272 -23.02 -6.44 13.35
CA ASP B 272 -22.78 -6.87 14.72
C ASP B 272 -22.40 -5.65 15.58
N GLN B 273 -22.23 -4.50 14.89
CA GLN B 273 -21.83 -3.25 15.52
C GLN B 273 -22.97 -2.58 16.27
N PRO B 274 -22.64 -1.62 17.14
CA PRO B 274 -23.65 -0.96 17.98
C PRO B 274 -24.20 0.33 17.43
N SER B 275 -23.59 0.92 16.45
CA SER B 275 -24.21 2.17 15.98
C SER B 275 -24.18 2.28 14.49
N ILE B 276 -25.00 3.18 13.97
CA ILE B 276 -24.95 3.37 12.53
C ILE B 276 -24.76 4.84 12.18
N VAL B 277 -23.59 5.20 11.64
CA VAL B 277 -23.41 6.61 11.25
C VAL B 277 -24.11 6.97 9.92
N ILE B 278 -25.10 7.83 10.00
CA ILE B 278 -25.84 8.21 8.81
C ILE B 278 -25.47 9.58 8.26
N PHE B 279 -25.06 9.57 7.00
CA PHE B 279 -24.63 10.78 6.32
C PHE B 279 -25.28 10.87 4.94
N THR B 280 -26.11 11.89 4.82
CA THR B 280 -26.88 12.17 3.63
C THR B 280 -26.26 13.14 2.66
N ALA B 281 -24.95 12.98 2.53
CA ALA B 281 -24.25 13.80 1.56
C ALA B 281 -24.79 15.22 1.48
N ASN B 282 -24.59 15.96 2.51
CA ASN B 282 -25.05 17.33 2.51
C ASN B 282 -24.08 18.21 1.76
N PHE B 283 -23.76 17.84 0.50
CA PHE B 283 -22.78 18.57 -0.32
C PHE B 283 -23.20 19.92 -0.93
N GLY B 284 -24.32 20.49 -0.53
CA GLY B 284 -24.68 21.77 -1.14
C GLY B 284 -24.50 21.74 -2.65
N ASP B 285 -23.95 22.84 -3.24
CA ASP B 285 -23.74 22.98 -4.69
C ASP B 285 -22.50 22.36 -5.33
N LEU B 286 -21.71 21.67 -4.52
CA LEU B 286 -20.47 21.03 -4.91
C LEU B 286 -20.56 20.29 -6.23
N GLY B 287 -21.68 19.65 -6.48
CA GLY B 287 -21.97 18.93 -7.73
C GLY B 287 -21.01 17.86 -8.23
N THR B 288 -20.41 17.07 -7.33
CA THR B 288 -19.53 15.98 -7.78
C THR B 288 -20.23 15.15 -8.91
N LEU B 289 -19.51 14.94 -10.01
CA LEU B 289 -20.09 14.17 -11.13
C LEU B 289 -19.98 12.65 -10.96
N TYR B 290 -21.10 11.98 -10.98
CA TYR B 290 -21.13 10.54 -10.88
C TYR B 290 -21.78 10.02 -12.17
N HIS B 291 -21.07 9.29 -12.98
CA HIS B 291 -21.73 8.84 -14.21
C HIS B 291 -22.23 9.99 -15.05
N GLU B 292 -21.46 11.07 -15.03
CA GLU B 292 -21.78 12.24 -15.80
C GLU B 292 -22.89 13.10 -15.26
N LYS B 293 -23.42 12.71 -14.09
CA LYS B 293 -24.55 13.37 -13.39
C LYS B 293 -24.11 14.13 -12.20
N LYS B 294 -24.45 15.40 -12.15
CA LYS B 294 -24.09 16.25 -11.03
C LYS B 294 -24.86 15.82 -9.78
N GLN B 295 -24.15 15.41 -8.74
CA GLN B 295 -24.86 14.97 -7.55
C GLN B 295 -25.60 16.10 -6.88
N VAL B 296 -26.87 15.87 -6.48
CA VAL B 296 -27.57 16.91 -5.74
C VAL B 296 -27.30 16.83 -4.21
N HIS B 297 -27.50 17.96 -3.54
CA HIS B 297 -27.43 18.02 -2.08
C HIS B 297 -28.37 16.87 -1.67
N HIS B 298 -28.00 16.05 -0.69
CA HIS B 298 -28.86 14.93 -0.31
C HIS B 298 -28.91 13.90 -1.38
N GLY B 299 -27.83 13.83 -2.17
CA GLY B 299 -27.72 12.90 -3.32
C GLY B 299 -27.30 11.47 -2.98
N GLY B 300 -27.17 11.15 -1.69
CA GLY B 300 -26.80 9.82 -1.24
C GLY B 300 -27.09 9.73 0.25
N ILE B 301 -26.84 8.58 0.80
CA ILE B 301 -27.02 8.34 2.22
C ILE B 301 -26.13 7.13 2.57
N THR B 302 -25.37 7.23 3.65
CA THR B 302 -24.54 6.11 4.02
C THR B 302 -25.13 5.41 5.26
N PHE B 303 -24.65 4.20 5.51
CA PHE B 303 -25.02 3.43 6.66
C PHE B 303 -23.70 2.96 7.27
N GLU B 304 -22.99 3.81 7.99
CA GLU B 304 -21.68 3.34 8.49
C GLU B 304 -21.72 2.67 9.82
N CYS B 305 -21.68 1.33 9.77
CA CYS B 305 -21.75 0.44 10.91
C CYS B 305 -20.45 0.32 11.72
N GLN B 306 -20.44 0.84 12.93
CA GLN B 306 -19.21 0.77 13.69
C GLN B 306 -19.57 1.07 15.12
N VAL B 307 -18.54 1.24 15.96
CA VAL B 307 -18.77 1.64 17.32
C VAL B 307 -18.90 3.11 17.16
N SER B 308 -19.85 3.70 17.84
CA SER B 308 -20.02 5.09 17.62
C SER B 308 -18.78 5.92 17.81
N PRO B 309 -18.63 6.87 16.91
CA PRO B 309 -17.49 7.78 17.07
C PRO B 309 -17.71 8.54 18.36
N GLY B 310 -16.69 9.25 18.83
CA GLY B 310 -16.85 10.01 20.07
C GLY B 310 -16.60 9.32 21.44
N SER B 311 -16.50 7.99 21.47
CA SER B 311 -16.24 7.23 22.70
C SER B 311 -15.16 7.87 23.54
N GLU B 312 -14.26 8.61 22.89
CA GLU B 312 -13.12 9.22 23.53
C GLU B 312 -13.52 10.22 24.61
N GLN B 313 -14.60 10.91 24.34
CA GLN B 313 -15.21 11.92 25.20
C GLN B 313 -16.46 11.37 25.82
N ILE B 314 -16.94 10.23 25.31
CA ILE B 314 -18.17 9.62 25.80
C ILE B 314 -17.99 8.12 25.84
N PRO B 315 -17.17 7.71 26.80
CA PRO B 315 -16.80 6.32 27.06
C PRO B 315 -18.00 5.38 27.01
N GLU B 316 -19.19 5.94 27.36
CA GLU B 316 -20.43 5.16 27.32
C GLU B 316 -20.64 4.49 25.97
N LEU B 317 -20.07 5.12 24.93
CA LEU B 317 -20.20 4.65 23.58
C LEU B 317 -19.47 3.35 23.30
N GLY B 318 -18.65 2.92 24.22
CA GLY B 318 -17.91 1.68 24.04
C GLY B 318 -16.38 1.84 24.09
N ASP B 319 -15.67 0.77 23.76
CA ASP B 319 -14.25 0.80 23.78
C ASP B 319 -13.70 0.36 22.48
N ILE B 320 -12.89 1.22 21.87
CA ILE B 320 -12.30 0.96 20.54
C ILE B 320 -10.91 0.29 20.58
N SER B 321 -10.43 0.07 21.77
CA SER B 321 -9.12 -0.52 21.80
C SER B 321 -9.00 -1.94 21.29
N LEU B 322 -7.78 -2.28 20.90
CA LEU B 322 -7.49 -3.61 20.44
C LEU B 322 -6.12 -3.97 20.98
N LYS B 323 -6.12 -5.03 21.81
CA LYS B 323 -4.91 -5.53 22.44
C LYS B 323 -4.10 -6.44 21.57
N ALA B 324 -2.83 -6.24 21.64
CA ALA B 324 -1.89 -7.06 20.87
C ALA B 324 -2.30 -8.54 20.94
N GLY B 325 -2.32 -9.21 19.81
CA GLY B 325 -2.67 -10.62 19.88
C GLY B 325 -4.13 -10.99 19.71
N GLU B 326 -5.02 -10.14 20.20
CA GLU B 326 -6.41 -10.47 20.10
C GLU B 326 -6.90 -10.25 18.69
N LYS B 327 -7.89 -11.06 18.33
CA LYS B 327 -8.48 -11.03 17.02
C LYS B 327 -9.67 -10.13 16.97
N TYR B 328 -9.54 -9.07 16.19
CA TYR B 328 -10.65 -8.16 15.99
C TYR B 328 -11.44 -8.71 14.86
N GLN B 329 -12.74 -8.53 14.95
CA GLN B 329 -13.64 -9.02 13.94
C GLN B 329 -14.89 -8.17 13.95
N ALA B 330 -15.45 -7.99 12.77
CA ALA B 330 -16.69 -7.21 12.65
C ALA B 330 -17.37 -7.67 11.38
N THR B 331 -18.70 -7.69 11.41
CA THR B 331 -19.49 -8.17 10.27
C THR B 331 -20.64 -7.25 9.94
N THR B 332 -20.80 -6.84 8.69
CA THR B 332 -21.94 -6.00 8.42
C THR B 332 -22.57 -6.47 7.14
N ILE B 333 -23.91 -6.48 7.04
CA ILE B 333 -24.53 -6.97 5.80
C ILE B 333 -25.57 -6.07 5.16
N TYR B 334 -25.46 -5.95 3.84
CA TYR B 334 -26.44 -5.23 3.00
C TYR B 334 -27.17 -6.24 2.14
N SER B 335 -28.49 -6.42 2.38
CA SER B 335 -29.25 -7.42 1.62
C SER B 335 -30.32 -6.82 0.70
N LEU B 336 -30.38 -7.25 -0.56
CA LEU B 336 -31.33 -6.71 -1.52
C LEU B 336 -32.59 -7.51 -1.66
N HIS B 337 -33.69 -6.85 -1.40
CA HIS B 337 -34.94 -7.50 -1.59
C HIS B 337 -35.72 -6.66 -2.57
N THR B 338 -36.54 -7.34 -3.31
CA THR B 338 -37.37 -6.73 -4.30
C THR B 338 -38.65 -7.45 -4.15
N LYS B 339 -39.46 -6.93 -3.28
CA LYS B 339 -40.69 -7.60 -3.02
C LYS B 339 -41.81 -6.62 -3.28
#